data_4F6W
#
_entry.id   4F6W
#
_cell.length_a   71.123
_cell.length_b   71.710
_cell.length_c   171.871
_cell.angle_alpha   90.00
_cell.angle_beta   90.00
_cell.angle_gamma   90.00
#
_symmetry.space_group_name_H-M   'P 21 21 21'
#
loop_
_entity.id
_entity.type
_entity.pdbx_description
1 polymer 'Cyclin-dependent kinase 8'
2 polymer Cyclin-C
3 non-polymer N-[3-tert-butyl-1-(4-methylphenyl)-1H-pyrazol-5-yl]-4-[2-({[3-tert-butyl-1-(4-methylphenyl)-1H-pyrazol-5-yl]carbamoyl}amino)ethyl]piperazine-1-carboxamide
4 non-polymer 'DIMETHYL SULFOXIDE'
5 non-polymer 1,2-ETHANEDIOL
6 non-polymer 'FORMIC ACID'
7 water water
#
loop_
_entity_poly.entity_id
_entity_poly.type
_entity_poly.pdbx_seq_one_letter_code
_entity_poly.pdbx_strand_id
1 'polypeptide(L)'
;DKMDYDFKVKLSSERERVEDLFEYEGCKVGRGTYGHVYKAKRKDGKDDKDYALKQIEGTGISMSACREIALLRELKHPNV
ISLQKVFLSHADRKVWLLFDYAEHDLWHIIKFHRASKANKKPVQLPRGMVKSLLYQILDGIHYLHANWVLHRDLKPANIL
VMGEGPERGRVKIADMGFARLFNSPLKPLADLDPVVVTFWYRAPELLLGARHYTKAIDIWAIGCIFAELLTSEPIFHCRQ
EDIKTSNPYHHDQLDRIFNVMGFPADKDWEDIKKMPEHSTLMKDFRRNTYTNCSLIKYMEKHKVKPDSKAFHLLQKLLTM
DPIKRITSEQAMQDPYFLEDPLPTSDVFAGCQIPYPKREFLTEEEPDDKGDKKNQQQQQGNNHTNGTGHPGNQDSSHTQG
PPLKK
;
A
2 'polypeptide(L)'
;DDKAMAGNFWQSSHYLQWILDKQDLLKERQKDLKFLSEEEYWKLQIFFTNVIQALGEHLKLRQQVIATATVYFKRFYARY
SLKSIDPVLMAPTCVFLASKVEEFGVVSNTRLIAAATSVLKTRFSYAFPKEFPYRMNHILECEFYLLELMDCCLIVYHPY
RPLLQYVQDMGQEDMLLPLAWRIVNDTYRTDLCLLYPPFMIALACLHVACVVQQKDARQWFAELSVDMEKILEIIRVILK
LYEQWKNFDERKEMATILSKMPKPKPPPNSEGEQGPNGSQNSSYSQS
;
B
#
loop_
_chem_comp.id
_chem_comp.type
_chem_comp.name
_chem_comp.formula
0SS non-polymer N-[3-tert-butyl-1-(4-methylphenyl)-1H-pyrazol-5-yl]-4-[2-({[3-tert-butyl-1-(4-methylphenyl)-1H-pyrazol-5-yl]carbamoyl}amino)ethyl]piperazine-1-carboxamide 'C36 H49 N9 O2'
DMS non-polymer 'DIMETHYL SULFOXIDE' 'C2 H6 O S'
EDO non-polymer 1,2-ETHANEDIOL 'C2 H6 O2'
FMT non-polymer 'FORMIC ACID' 'C H2 O2'
#
# COMPACT_ATOMS: atom_id res chain seq x y z
N MET A 3 20.43 1.29 -23.69
CA MET A 3 20.83 1.37 -22.25
C MET A 3 22.36 1.35 -22.09
N ASP A 4 22.88 2.29 -21.29
CA ASP A 4 24.34 2.52 -21.17
C ASP A 4 25.05 1.33 -20.52
N TYR A 5 26.06 0.83 -21.22
CA TYR A 5 26.86 -0.31 -20.78
C TYR A 5 27.55 -0.10 -19.41
N ASP A 6 28.20 1.03 -19.22
CA ASP A 6 28.90 1.34 -17.97
C ASP A 6 27.95 1.37 -16.80
N PHE A 7 26.79 2.00 -17.01
CA PHE A 7 25.72 2.04 -16.02
C PHE A 7 25.25 0.61 -15.69
N LYS A 8 25.10 -0.23 -16.70
CA LYS A 8 24.63 -1.61 -16.51
C LYS A 8 25.60 -2.47 -15.72
N VAL A 9 26.87 -2.48 -16.11
CA VAL A 9 27.87 -3.31 -15.41
C VAL A 9 28.11 -2.83 -13.97
N LYS A 10 28.18 -1.52 -13.78
CA LYS A 10 28.29 -0.92 -12.45
C LYS A 10 27.18 -1.39 -11.52
N LEU A 11 25.93 -1.27 -11.95
CA LEU A 11 24.78 -1.68 -11.13
C LEU A 11 24.76 -3.19 -10.87
N SER A 12 25.07 -3.97 -11.89
CA SER A 12 25.19 -5.42 -11.75
C SER A 12 26.26 -5.83 -10.71
N SER A 13 27.39 -5.13 -10.72
CA SER A 13 28.48 -5.39 -9.78
C SER A 13 28.10 -5.09 -8.33
N GLU A 14 27.34 -4.02 -8.12
CA GLU A 14 26.93 -3.57 -6.78
C GLU A 14 25.61 -4.18 -6.30
N ARG A 15 24.89 -4.90 -7.17
CA ARG A 15 23.54 -5.37 -6.84
C ARG A 15 23.59 -6.57 -5.91
N GLU A 16 23.07 -6.40 -4.71
CA GLU A 16 22.92 -7.49 -3.76
C GLU A 16 21.98 -8.57 -4.33
N ARG A 17 22.43 -9.82 -4.26
CA ARG A 17 21.66 -10.98 -4.70
C ARG A 17 21.28 -11.83 -3.49
N VAL A 18 20.05 -12.35 -3.52
CA VAL A 18 19.50 -13.08 -2.37
C VAL A 18 20.33 -14.30 -2.01
N GLU A 19 20.76 -15.05 -3.03
CA GLU A 19 21.56 -16.26 -2.85
C GLU A 19 22.99 -16.02 -2.33
N ASP A 20 23.50 -14.79 -2.52
CA ASP A 20 24.82 -14.39 -2.00
C ASP A 20 24.73 -13.97 -0.54
N LEU A 21 23.65 -13.27 -0.17
CA LEU A 21 23.49 -12.70 1.17
C LEU A 21 22.88 -13.64 2.21
N PHE A 22 22.07 -14.61 1.78
CA PHE A 22 21.26 -15.43 2.70
C PHE A 22 21.39 -16.93 2.45
N GLU A 23 21.35 -17.70 3.54
CA GLU A 23 21.37 -19.16 3.53
C GLU A 23 19.92 -19.63 3.74
N TYR A 24 19.34 -20.25 2.71
CA TYR A 24 17.95 -20.77 2.78
C TYR A 24 17.74 -22.10 2.03
N GLU A 25 18.82 -22.79 1.74
CA GLU A 25 18.78 -24.05 1.00
C GLU A 25 18.22 -25.15 1.90
N GLY A 26 17.07 -25.69 1.52
CA GLY A 26 16.40 -26.72 2.30
C GLY A 26 15.72 -26.23 3.56
N CYS A 27 15.45 -24.91 3.65
CA CYS A 27 14.89 -24.28 4.84
C CYS A 27 13.49 -23.71 4.57
N LYS A 28 12.77 -24.36 3.66
CA LYS A 28 11.45 -23.91 3.25
C LYS A 28 10.49 -24.20 4.39
N VAL A 29 9.68 -23.22 4.77
CA VAL A 29 8.70 -23.36 5.86
C VAL A 29 7.23 -23.15 5.42
N GLY A 30 7.01 -22.76 4.17
CA GLY A 30 5.68 -22.67 3.59
C GLY A 30 5.71 -22.64 2.07
N ARG A 31 4.70 -23.24 1.46
CA ARG A 31 4.39 -23.11 0.03
C ARG A 31 2.90 -22.81 -0.08
N GLY A 32 2.53 -21.87 -0.93
CA GLY A 32 1.12 -21.58 -1.19
C GLY A 32 0.94 -20.87 -2.52
N THR A 33 -0.25 -20.29 -2.70
CA THR A 33 -0.54 -19.48 -3.89
C THR A 33 0.22 -18.15 -3.88
N TYR A 34 0.54 -17.67 -2.67
CA TYR A 34 1.45 -16.53 -2.47
C TYR A 34 2.85 -16.77 -3.07
N GLY A 35 3.26 -18.05 -3.06
CA GLY A 35 4.57 -18.47 -3.52
C GLY A 35 5.21 -19.37 -2.49
N HIS A 36 6.45 -19.07 -2.13
CA HIS A 36 7.28 -19.93 -1.27
C HIS A 36 7.85 -19.08 -0.14
N VAL A 37 7.92 -19.63 1.07
CA VAL A 37 8.53 -18.93 2.18
C VAL A 37 9.62 -19.79 2.85
N TYR A 38 10.81 -19.21 3.04
CA TYR A 38 11.97 -19.88 3.63
C TYR A 38 12.37 -19.21 4.94
N LYS A 39 12.92 -20.01 5.85
CA LYS A 39 13.58 -19.50 7.06
C LYS A 39 15.04 -19.26 6.72
N ALA A 40 15.43 -17.99 6.64
CA ALA A 40 16.76 -17.60 6.15
C ALA A 40 17.63 -16.97 7.25
N LYS A 41 18.93 -17.21 7.16
CA LYS A 41 19.94 -16.56 8.01
C LYS A 41 21.00 -15.91 7.10
N ARG A 42 21.50 -14.74 7.48
CA ARG A 42 22.60 -14.07 6.74
C ARG A 42 23.86 -14.96 6.66
N LYS A 43 24.46 -15.05 5.47
CA LYS A 43 25.72 -15.80 5.27
C LYS A 43 26.91 -15.03 5.84
N ASP A 44 27.03 -13.77 5.45
CA ASP A 44 27.97 -12.82 6.06
C ASP A 44 27.44 -12.53 7.46
N GLY A 45 28.06 -13.14 8.47
CA GLY A 45 27.44 -13.34 9.78
C GLY A 45 27.45 -12.19 10.78
N LYS A 46 27.12 -10.98 10.31
CA LYS A 46 26.90 -9.83 11.19
C LYS A 46 25.65 -10.02 12.05
N ASP A 47 24.53 -10.36 11.38
CA ASP A 47 23.21 -10.39 12.03
C ASP A 47 23.04 -11.60 12.96
N ASP A 48 23.20 -12.80 12.41
CA ASP A 48 22.97 -14.06 13.15
C ASP A 48 21.52 -14.19 13.66
N LYS A 49 20.56 -13.72 12.87
CA LYS A 49 19.14 -13.65 13.25
C LYS A 49 18.27 -14.24 12.14
N ASP A 50 17.17 -14.89 12.53
CA ASP A 50 16.28 -15.56 11.57
C ASP A 50 15.42 -14.57 10.80
N TYR A 51 15.24 -14.81 9.50
CA TYR A 51 14.36 -14.01 8.64
C TYR A 51 13.43 -14.90 7.84
N ALA A 52 12.24 -14.39 7.51
CA ALA A 52 11.31 -15.06 6.62
C ALA A 52 11.56 -14.51 5.23
N LEU A 53 11.86 -15.39 4.28
CA LEU A 53 12.18 -14.99 2.92
C LEU A 53 11.15 -15.54 1.94
N LYS A 54 10.38 -14.64 1.33
CA LYS A 54 9.28 -14.97 0.44
C LYS A 54 9.71 -14.79 -1.02
N GLN A 55 9.65 -15.86 -1.82
CA GLN A 55 9.72 -15.73 -3.28
C GLN A 55 8.28 -15.62 -3.74
N ILE A 56 7.95 -14.49 -4.37
CA ILE A 56 6.59 -14.20 -4.79
C ILE A 56 6.26 -15.11 -5.97
N GLU A 57 5.08 -15.73 -5.92
CA GLU A 57 4.60 -16.57 -7.02
C GLU A 57 4.57 -15.75 -8.32
N GLY A 58 5.07 -16.36 -9.39
CA GLY A 58 5.08 -15.75 -10.72
C GLY A 58 6.41 -15.08 -10.99
N THR A 59 6.44 -14.26 -12.03
CA THR A 59 7.60 -13.45 -12.37
C THR A 59 7.21 -12.00 -12.61
N GLY A 60 8.20 -11.11 -12.56
CA GLY A 60 7.99 -9.70 -12.86
C GLY A 60 7.23 -8.97 -11.76
N ILE A 61 6.78 -7.76 -12.10
CA ILE A 61 6.02 -6.93 -11.16
C ILE A 61 4.55 -7.13 -11.49
N SER A 62 4.00 -8.23 -10.96
CA SER A 62 2.57 -8.48 -11.06
C SER A 62 1.84 -7.50 -10.16
N MET A 63 0.53 -7.41 -10.33
CA MET A 63 -0.31 -6.65 -9.42
C MET A 63 -0.09 -7.07 -7.96
N SER A 64 0.05 -8.38 -7.73
CA SER A 64 0.30 -8.93 -6.39
C SER A 64 1.60 -8.45 -5.77
N ALA A 65 2.69 -8.56 -6.53
CA ALA A 65 4.01 -8.13 -6.08
C ALA A 65 4.00 -6.64 -5.86
N CYS A 66 3.41 -5.90 -6.79
CA CYS A 66 3.31 -4.45 -6.72
C CYS A 66 2.53 -3.95 -5.51
N ARG A 67 1.38 -4.57 -5.21
CA ARG A 67 0.58 -4.20 -4.03
C ARG A 67 1.31 -4.53 -2.74
N GLU A 68 1.95 -5.70 -2.66
CA GLU A 68 2.64 -6.05 -1.43
C GLU A 68 3.84 -5.12 -1.16
N ILE A 69 4.60 -4.81 -2.20
CA ILE A 69 5.76 -3.92 -2.09
C ILE A 69 5.32 -2.50 -1.75
N ALA A 70 4.44 -1.94 -2.56
CA ALA A 70 3.91 -0.58 -2.36
C ALA A 70 3.43 -0.35 -0.93
N LEU A 71 2.64 -1.29 -0.41
CA LEU A 71 2.03 -1.16 0.92
C LEU A 71 3.04 -1.40 2.03
N LEU A 72 3.73 -2.53 1.98
CA LEU A 72 4.63 -2.90 3.09
C LEU A 72 5.85 -1.98 3.19
N ARG A 73 6.20 -1.31 2.09
CA ARG A 73 7.24 -0.30 2.08
C ARG A 73 6.92 0.90 2.98
N GLU A 74 5.64 1.20 3.17
CA GLU A 74 5.17 2.37 3.93
C GLU A 74 4.79 2.08 5.36
N LEU A 75 4.34 0.86 5.65
CA LEU A 75 3.73 0.54 6.94
C LEU A 75 4.80 0.30 7.97
N LYS A 76 4.54 0.78 9.18
CA LYS A 76 5.50 0.72 10.27
C LYS A 76 4.74 0.71 11.60
N HIS A 77 4.60 -0.49 12.16
CA HIS A 77 3.92 -0.68 13.46
C HIS A 77 4.44 -1.97 14.09
N PRO A 78 4.65 -1.99 15.43
CA PRO A 78 5.15 -3.21 16.09
C PRO A 78 4.30 -4.49 15.89
N ASN A 79 3.00 -4.32 15.69
CA ASN A 79 2.04 -5.43 15.47
C ASN A 79 1.67 -5.77 14.03
N VAL A 80 2.39 -5.20 13.06
CA VAL A 80 2.24 -5.54 11.65
C VAL A 80 3.57 -6.10 11.16
N ILE A 81 3.53 -7.22 10.44
CA ILE A 81 4.76 -7.81 9.88
C ILE A 81 5.46 -6.75 9.00
N SER A 82 6.78 -6.72 9.08
CA SER A 82 7.60 -5.64 8.55
C SER A 82 8.47 -6.15 7.39
N LEU A 83 8.37 -5.50 6.22
CA LEU A 83 9.26 -5.77 5.09
C LEU A 83 10.64 -5.16 5.36
N GLN A 84 11.69 -5.98 5.36
CA GLN A 84 13.05 -5.50 5.65
C GLN A 84 13.83 -5.17 4.38
N LYS A 85 13.59 -5.92 3.31
CA LYS A 85 14.39 -5.81 2.10
C LYS A 85 13.68 -6.47 0.94
N VAL A 86 13.86 -5.89 -0.25
CA VAL A 86 13.34 -6.43 -1.50
C VAL A 86 14.49 -6.73 -2.47
N PHE A 87 14.49 -7.93 -3.05
CA PHE A 87 15.45 -8.33 -4.09
C PHE A 87 14.75 -8.58 -5.41
N LEU A 88 15.27 -7.95 -6.47
CA LEU A 88 14.81 -8.19 -7.82
C LEU A 88 15.90 -8.99 -8.53
N SER A 89 15.62 -10.24 -8.85
CA SER A 89 16.56 -11.14 -9.50
C SER A 89 16.40 -10.98 -11.00
N HIS A 90 17.39 -10.35 -11.63
CA HIS A 90 17.29 -9.95 -13.02
C HIS A 90 17.28 -11.12 -14.00
N ALA A 91 18.06 -12.16 -13.72
CA ALA A 91 18.20 -13.31 -14.63
C ALA A 91 16.89 -14.07 -14.89
N ASP A 92 16.10 -14.28 -13.83
CA ASP A 92 14.83 -15.03 -13.90
C ASP A 92 13.57 -14.18 -13.58
N ARG A 93 13.76 -12.90 -13.25
CA ARG A 93 12.65 -11.97 -12.97
C ARG A 93 11.82 -12.34 -11.73
N LYS A 94 12.45 -13.05 -10.78
CA LYS A 94 11.78 -13.44 -9.55
C LYS A 94 11.94 -12.28 -8.58
N VAL A 95 10.89 -12.03 -7.81
CA VAL A 95 10.88 -11.00 -6.78
C VAL A 95 10.92 -11.70 -5.42
N TRP A 96 11.92 -11.34 -4.60
CA TRP A 96 12.04 -11.88 -3.24
C TRP A 96 11.79 -10.78 -2.21
N LEU A 97 11.06 -11.11 -1.14
CA LEU A 97 10.80 -10.18 -0.02
C LEU A 97 11.28 -10.76 1.29
N LEU A 98 12.04 -9.99 2.06
CA LEU A 98 12.62 -10.44 3.33
C LEU A 98 11.83 -9.80 4.47
N PHE A 99 11.37 -10.63 5.42
CA PHE A 99 10.56 -10.16 6.56
C PHE A 99 11.15 -10.60 7.89
N ASP A 100 10.56 -10.06 8.96
CA ASP A 100 10.67 -10.61 10.31
C ASP A 100 10.36 -12.11 10.27
N TYR A 101 11.11 -12.92 11.02
CA TYR A 101 10.73 -14.32 11.20
C TYR A 101 9.90 -14.51 12.46
N ALA A 102 8.63 -14.83 12.30
CA ALA A 102 7.77 -15.18 13.44
C ALA A 102 7.64 -16.69 13.50
N GLU A 103 8.16 -17.25 14.59
CA GLU A 103 8.19 -18.70 14.83
C GLU A 103 6.80 -19.31 15.01
N HIS A 104 5.87 -18.53 15.53
CA HIS A 104 4.55 -19.05 15.92
C HIS A 104 3.41 -18.30 15.22
N ASP A 105 2.22 -18.86 15.39
CA ASP A 105 1.00 -18.27 14.86
C ASP A 105 -0.21 -18.87 15.58
N LEU A 106 -1.34 -18.19 15.50
CA LEU A 106 -2.55 -18.57 16.23
C LEU A 106 -3.17 -19.87 15.77
N TRP A 107 -2.95 -20.27 14.52
CA TRP A 107 -3.48 -21.52 14.01
C TRP A 107 -2.85 -22.72 14.71
N HIS A 108 -1.52 -22.73 14.79
CA HIS A 108 -0.78 -23.77 15.53
C HIS A 108 -0.98 -23.66 17.05
N ILE A 109 -0.97 -22.44 17.57
CA ILE A 109 -1.21 -22.23 19.00
C ILE A 109 -2.59 -22.77 19.45
N ILE A 110 -3.65 -22.44 18.72
CA ILE A 110 -5.00 -22.90 19.06
C ILE A 110 -5.13 -24.42 18.91
N LYS A 111 -4.62 -24.94 17.79
CA LYS A 111 -4.60 -26.38 17.51
C LYS A 111 -3.87 -27.19 18.59
N PHE A 112 -2.78 -26.64 19.12
CA PHE A 112 -2.01 -27.26 20.21
C PHE A 112 -2.90 -27.43 21.46
N HIS A 113 -3.54 -26.34 21.87
CA HIS A 113 -4.50 -26.36 22.98
C HIS A 113 -5.75 -27.21 22.71
N ARG A 114 -6.30 -27.13 21.50
CA ARG A 114 -7.46 -27.95 21.12
C ARG A 114 -7.13 -29.44 21.10
N ALA A 115 -5.89 -29.79 20.71
CA ALA A 115 -5.41 -31.18 20.73
C ALA A 115 -5.26 -31.73 22.15
N SER A 116 -4.76 -30.89 23.06
CA SER A 116 -4.60 -31.26 24.47
C SER A 116 -5.97 -31.38 25.17
N LYS A 117 -6.44 -32.62 25.29
CA LYS A 117 -7.75 -32.94 25.89
C LYS A 117 -7.79 -34.37 26.44
N VAL A 123 -5.80 -28.48 28.57
CA VAL A 123 -5.22 -27.16 28.82
C VAL A 123 -5.72 -26.11 27.79
N GLN A 124 -6.81 -25.42 28.14
CA GLN A 124 -7.28 -24.26 27.36
C GLN A 124 -6.34 -23.04 27.48
N LEU A 125 -6.50 -22.08 26.58
CA LEU A 125 -5.63 -20.88 26.52
C LEU A 125 -5.62 -20.14 27.87
N PRO A 126 -4.43 -19.85 28.42
CA PRO A 126 -4.35 -18.99 29.63
C PRO A 126 -4.97 -17.58 29.42
N ARG A 127 -5.78 -17.13 30.39
CA ARG A 127 -6.61 -15.91 30.27
C ARG A 127 -5.84 -14.61 30.04
N GLY A 128 -4.67 -14.51 30.69
CA GLY A 128 -3.73 -13.40 30.43
C GLY A 128 -3.21 -13.35 29.00
N MET A 129 -2.88 -14.53 28.45
CA MET A 129 -2.39 -14.65 27.08
C MET A 129 -3.47 -14.24 26.06
N VAL A 130 -4.71 -14.65 26.30
CA VAL A 130 -5.83 -14.33 25.41
C VAL A 130 -6.06 -12.83 25.30
N LYS A 131 -6.08 -12.17 26.45
CA LYS A 131 -6.29 -10.72 26.49
C LYS A 131 -5.19 -9.99 25.73
N SER A 132 -3.95 -10.42 25.97
CA SER A 132 -2.78 -9.82 25.33
C SER A 132 -2.79 -10.01 23.82
N LEU A 133 -3.14 -11.23 23.36
CA LEU A 133 -3.31 -11.53 21.93
C LEU A 133 -4.34 -10.58 21.32
N LEU A 134 -5.52 -10.50 21.92
CA LEU A 134 -6.60 -9.66 21.40
C LEU A 134 -6.22 -8.19 21.33
N TYR A 135 -5.49 -7.71 22.34
CA TYR A 135 -5.12 -6.29 22.38
C TYR A 135 -4.16 -5.93 21.25
N GLN A 136 -3.13 -6.75 21.06
CA GLN A 136 -2.13 -6.49 20.03
C GLN A 136 -2.74 -6.59 18.62
N ILE A 137 -3.67 -7.54 18.42
CA ILE A 137 -4.39 -7.68 17.17
C ILE A 137 -5.15 -6.38 16.88
N LEU A 138 -5.93 -5.95 17.86
CA LEU A 138 -6.68 -4.68 17.77
C LEU A 138 -5.78 -3.47 17.50
N ASP A 139 -4.66 -3.41 18.19
CA ASP A 139 -3.69 -2.32 18.02
C ASP A 139 -3.14 -2.29 16.57
N GLY A 140 -2.75 -3.45 16.05
CA GLY A 140 -2.30 -3.57 14.66
C GLY A 140 -3.37 -3.21 13.64
N ILE A 141 -4.59 -3.72 13.81
CA ILE A 141 -5.70 -3.40 12.90
C ILE A 141 -6.09 -1.92 12.96
N HIS A 142 -6.10 -1.35 14.17
CA HIS A 142 -6.35 0.08 14.33
C HIS A 142 -5.35 0.94 13.54
N TYR A 143 -4.08 0.56 13.54
CA TYR A 143 -3.07 1.22 12.71
C TYR A 143 -3.37 1.08 11.21
N LEU A 144 -3.72 -0.13 10.76
CA LEU A 144 -4.07 -0.34 9.34
C LEU A 144 -5.31 0.46 8.97
N HIS A 145 -6.34 0.38 9.80
CA HIS A 145 -7.60 1.10 9.55
C HIS A 145 -7.47 2.63 9.52
N ALA A 146 -6.66 3.18 10.42
CA ALA A 146 -6.37 4.61 10.42
C ALA A 146 -5.66 5.06 9.14
N ASN A 147 -4.94 4.13 8.49
CA ASN A 147 -4.31 4.36 7.18
C ASN A 147 -5.15 3.88 5.99
N TRP A 148 -6.41 3.55 6.26
CA TRP A 148 -7.36 3.06 5.27
C TRP A 148 -6.88 1.80 4.55
N VAL A 149 -6.19 0.95 5.32
CA VAL A 149 -5.77 -0.36 4.85
C VAL A 149 -6.68 -1.35 5.53
N LEU A 150 -7.50 -2.03 4.74
CA LEU A 150 -8.35 -3.13 5.23
C LEU A 150 -7.57 -4.42 5.08
N HIS A 151 -7.73 -5.36 6.00
CA HIS A 151 -7.01 -6.61 5.93
C HIS A 151 -7.70 -7.56 4.97
N ARG A 152 -8.99 -7.82 5.23
CA ARG A 152 -9.89 -8.58 4.32
C ARG A 152 -9.85 -10.11 4.43
N ASP A 153 -8.94 -10.63 5.25
CA ASP A 153 -8.84 -12.07 5.48
C ASP A 153 -8.26 -12.39 6.85
N LEU A 154 -8.68 -11.64 7.87
CA LEU A 154 -8.23 -11.89 9.23
C LEU A 154 -8.72 -13.25 9.68
N LYS A 155 -7.78 -14.05 10.19
CA LYS A 155 -8.06 -15.40 10.70
C LYS A 155 -6.81 -15.85 11.47
N PRO A 156 -6.90 -16.95 12.25
CA PRO A 156 -5.75 -17.39 13.06
C PRO A 156 -4.43 -17.59 12.31
N ALA A 157 -4.49 -18.12 11.10
CA ALA A 157 -3.28 -18.35 10.30
C ALA A 157 -2.51 -17.06 9.97
N ASN A 158 -3.22 -15.93 9.93
CA ASN A 158 -2.66 -14.61 9.63
C ASN A 158 -2.31 -13.77 10.87
N ILE A 159 -2.47 -14.34 12.07
CA ILE A 159 -1.95 -13.71 13.29
C ILE A 159 -0.69 -14.49 13.65
N LEU A 160 0.46 -13.88 13.41
CA LEU A 160 1.74 -14.46 13.75
C LEU A 160 2.15 -14.00 15.13
N VAL A 161 3.02 -14.77 15.77
CA VAL A 161 3.55 -14.46 17.08
C VAL A 161 5.03 -14.79 17.11
N MET A 162 5.84 -13.80 17.49
CA MET A 162 7.29 -13.94 17.51
C MET A 162 7.74 -14.88 18.63
N GLY A 163 8.75 -15.69 18.33
CA GLY A 163 9.35 -16.64 19.27
C GLY A 163 10.43 -15.98 20.08
N GLU A 164 11.38 -16.78 20.59
CA GLU A 164 12.49 -16.29 21.43
C GLU A 164 13.33 -15.26 20.67
N GLY A 165 13.68 -14.17 21.35
CA GLY A 165 14.42 -13.06 20.76
C GLY A 165 13.98 -11.74 21.38
N PRO A 166 14.38 -10.62 20.77
CA PRO A 166 13.99 -9.30 21.33
C PRO A 166 12.52 -8.91 21.23
N GLU A 167 11.73 -9.56 20.36
CA GLU A 167 10.28 -9.27 20.25
C GLU A 167 9.46 -10.46 20.76
N ARG A 168 9.97 -11.14 21.78
CA ARG A 168 9.36 -12.38 22.29
C ARG A 168 7.88 -12.21 22.61
N GLY A 169 7.05 -13.00 21.94
CA GLY A 169 5.61 -13.01 22.18
C GLY A 169 4.84 -11.80 21.69
N ARG A 170 5.37 -11.13 20.68
CA ARG A 170 4.72 -9.99 20.10
C ARG A 170 3.93 -10.48 18.88
N VAL A 171 2.69 -10.03 18.77
CA VAL A 171 1.84 -10.32 17.61
C VAL A 171 2.38 -9.59 16.37
N LYS A 172 2.43 -10.28 15.23
CA LYS A 172 2.66 -9.65 13.93
C LYS A 172 1.54 -10.05 12.98
N ILE A 173 0.69 -9.09 12.59
CA ILE A 173 -0.37 -9.34 11.60
C ILE A 173 0.29 -9.52 10.24
N ALA A 174 -0.14 -10.56 9.52
CA ALA A 174 0.39 -10.91 8.20
C ALA A 174 -0.76 -11.19 7.26
N ASP A 175 -0.44 -11.43 6.00
CA ASP A 175 -1.43 -11.85 5.01
C ASP A 175 -0.82 -12.74 3.92
N MET A 176 -1.51 -13.83 3.59
CA MET A 176 -1.17 -14.70 2.43
C MET A 176 -1.68 -14.16 1.09
N GLY A 177 -2.64 -13.22 1.11
CA GLY A 177 -3.12 -12.54 -0.10
C GLY A 177 -4.29 -13.23 -0.82
N PHE A 178 -5.17 -13.89 -0.06
CA PHE A 178 -6.31 -14.63 -0.62
C PHE A 178 -7.33 -13.71 -1.30
N ALA A 179 -7.87 -12.76 -0.54
CA ALA A 179 -8.74 -11.69 -1.05
C ALA A 179 -9.97 -12.21 -1.79
N THR A 198 -13.34 -22.52 3.92
CA THR A 198 -13.38 -21.83 5.22
C THR A 198 -13.93 -20.39 5.10
N PHE A 199 -15.23 -20.28 5.33
CA PHE A 199 -15.92 -19.02 5.46
C PHE A 199 -16.15 -18.70 6.94
N TRP A 200 -15.41 -19.34 7.84
CA TRP A 200 -15.68 -19.24 9.30
C TRP A 200 -15.50 -17.84 9.89
N TYR A 201 -14.72 -16.99 9.24
CA TYR A 201 -14.43 -15.62 9.73
C TYR A 201 -15.10 -14.53 8.88
N ARG A 202 -15.95 -14.93 7.93
CA ARG A 202 -16.65 -14.01 7.02
C ARG A 202 -17.92 -13.43 7.65
N ALA A 203 -18.01 -12.10 7.67
CA ALA A 203 -19.16 -11.38 8.24
C ALA A 203 -20.46 -11.69 7.47
N PRO A 204 -21.62 -11.66 8.15
CA PRO A 204 -22.87 -12.07 7.48
C PRO A 204 -23.22 -11.24 6.25
N GLU A 205 -22.83 -9.96 6.24
CA GLU A 205 -23.06 -9.09 5.09
C GLU A 205 -22.38 -9.57 3.80
N LEU A 206 -21.18 -10.14 3.91
CA LEU A 206 -20.48 -10.74 2.76
C LEU A 206 -21.20 -11.98 2.30
N LEU A 207 -21.59 -12.82 3.25
CA LEU A 207 -22.40 -14.02 2.98
C LEU A 207 -23.75 -13.70 2.33
N LEU A 208 -24.27 -12.49 2.58
CA LEU A 208 -25.49 -12.00 1.94
C LEU A 208 -25.21 -11.04 0.77
N GLY A 209 -24.00 -11.04 0.25
CA GLY A 209 -23.68 -10.42 -1.03
C GLY A 209 -23.26 -8.96 -1.00
N ALA A 210 -22.81 -8.46 0.14
CA ALA A 210 -22.21 -7.11 0.17
C ALA A 210 -21.06 -7.03 -0.85
N ARG A 211 -20.98 -5.89 -1.52
CA ARG A 211 -20.05 -5.68 -2.65
C ARG A 211 -18.67 -5.13 -2.24
N HIS A 212 -18.56 -4.60 -1.03
CA HIS A 212 -17.36 -3.88 -0.61
C HIS A 212 -16.87 -4.39 0.73
N TYR A 213 -15.55 -4.46 0.86
CA TYR A 213 -14.91 -4.68 2.14
C TYR A 213 -14.93 -3.37 2.95
N THR A 214 -15.01 -3.54 4.26
CA THR A 214 -15.16 -2.44 5.21
C THR A 214 -14.34 -2.76 6.44
N LYS A 215 -14.11 -1.73 7.26
CA LYS A 215 -13.48 -1.90 8.58
C LYS A 215 -14.31 -2.83 9.46
N ALA A 216 -15.64 -2.73 9.36
CA ALA A 216 -16.56 -3.60 10.10
C ALA A 216 -16.36 -5.09 9.81
N ILE A 217 -16.06 -5.43 8.58
CA ILE A 217 -15.79 -6.82 8.21
C ILE A 217 -14.55 -7.38 8.95
N ASP A 218 -13.47 -6.60 9.06
CA ASP A 218 -12.29 -7.01 9.85
C ASP A 218 -12.66 -7.19 11.33
N ILE A 219 -13.52 -6.31 11.86
CA ILE A 219 -13.88 -6.38 13.28
C ILE A 219 -14.63 -7.69 13.60
N TRP A 220 -15.58 -8.06 12.75
CA TRP A 220 -16.28 -9.38 12.87
C TRP A 220 -15.31 -10.54 12.97
N ALA A 221 -14.35 -10.57 12.05
CA ALA A 221 -13.32 -11.62 12.04
C ALA A 221 -12.53 -11.64 13.34
N ILE A 222 -12.25 -10.47 13.91
CA ILE A 222 -11.51 -10.36 15.16
C ILE A 222 -12.35 -10.92 16.30
N GLY A 223 -13.64 -10.57 16.32
CA GLY A 223 -14.61 -11.20 17.23
C GLY A 223 -14.56 -12.73 17.15
N CYS A 224 -14.52 -13.25 15.92
CA CYS A 224 -14.43 -14.71 15.69
C CYS A 224 -13.15 -15.32 16.27
N ILE A 225 -12.02 -14.62 16.11
CA ILE A 225 -10.74 -15.08 16.64
C ILE A 225 -10.77 -15.07 18.18
N PHE A 226 -11.35 -14.04 18.77
CA PHE A 226 -11.47 -13.91 20.22
C PHE A 226 -12.29 -15.04 20.84
N ALA A 227 -13.43 -15.36 20.23
CA ALA A 227 -14.22 -16.50 20.68
C ALA A 227 -13.40 -17.78 20.62
N GLU A 228 -12.64 -17.93 19.54
CA GLU A 228 -11.82 -19.12 19.33
C GLU A 228 -10.69 -19.19 20.36
N LEU A 229 -10.09 -18.05 20.70
CA LEU A 229 -9.10 -17.99 21.79
C LEU A 229 -9.70 -18.36 23.14
N LEU A 230 -10.93 -17.95 23.40
CA LEU A 230 -11.61 -18.22 24.67
C LEU A 230 -12.03 -19.69 24.83
N THR A 231 -12.47 -20.32 23.74
CA THR A 231 -13.04 -21.69 23.76
C THR A 231 -12.15 -22.77 23.13
N SER A 232 -11.14 -22.36 22.33
CA SER A 232 -10.31 -23.27 21.50
C SER A 232 -10.98 -23.86 20.24
N GLU A 233 -12.22 -23.46 19.95
CA GLU A 233 -13.02 -24.00 18.82
C GLU A 233 -13.47 -22.85 17.93
N PRO A 234 -13.44 -23.01 16.59
CA PRO A 234 -13.98 -21.92 15.76
C PRO A 234 -15.48 -21.73 16.01
N ILE A 235 -15.89 -20.51 16.36
CA ILE A 235 -17.27 -20.24 16.77
C ILE A 235 -18.25 -20.56 15.64
N PHE A 236 -17.89 -20.21 14.41
CA PHE A 236 -18.75 -20.49 13.25
C PHE A 236 -18.21 -21.62 12.37
N HIS A 237 -17.66 -22.64 13.02
CA HIS A 237 -17.20 -23.86 12.38
C HIS A 237 -18.28 -24.47 11.47
N CYS A 238 -17.87 -24.96 10.31
CA CYS A 238 -18.78 -25.39 9.24
C CYS A 238 -18.02 -26.27 8.25
N ARG A 239 -18.65 -27.28 7.68
CA ARG A 239 -18.02 -28.10 6.63
C ARG A 239 -17.71 -27.26 5.39
N GLN A 240 -16.66 -27.64 4.67
CA GLN A 240 -16.30 -27.01 3.38
C GLN A 240 -17.03 -27.66 2.21
N ASN A 247 -20.41 -17.17 -6.55
CA ASN A 247 -21.55 -17.14 -5.63
C ASN A 247 -21.15 -16.75 -4.20
N PRO A 248 -21.50 -15.52 -3.76
CA PRO A 248 -21.18 -15.08 -2.39
C PRO A 248 -22.06 -15.72 -1.28
N TYR A 249 -23.26 -16.19 -1.65
CA TYR A 249 -24.19 -16.78 -0.68
C TYR A 249 -23.80 -18.21 -0.31
N HIS A 250 -23.50 -18.46 0.96
CA HIS A 250 -23.36 -19.82 1.50
C HIS A 250 -24.36 -20.10 2.63
N HIS A 251 -25.25 -21.05 2.35
CA HIS A 251 -26.37 -21.41 3.22
C HIS A 251 -25.95 -21.97 4.58
N ASP A 252 -25.06 -22.97 4.56
CA ASP A 252 -24.69 -23.68 5.78
C ASP A 252 -23.88 -22.79 6.73
N GLN A 253 -23.06 -21.89 6.17
CA GLN A 253 -22.32 -20.95 6.99
C GLN A 253 -23.25 -19.97 7.71
N LEU A 254 -24.31 -19.53 7.03
CA LEU A 254 -25.34 -18.68 7.64
C LEU A 254 -26.12 -19.44 8.71
N ASP A 255 -26.50 -20.68 8.40
CA ASP A 255 -27.14 -21.61 9.33
C ASP A 255 -26.37 -21.72 10.65
N ARG A 256 -25.05 -21.92 10.53
CA ARG A 256 -24.20 -22.04 11.72
C ARG A 256 -24.14 -20.73 12.51
N ILE A 257 -24.03 -19.62 11.79
CA ILE A 257 -24.05 -18.30 12.43
C ILE A 257 -25.36 -18.11 13.23
N PHE A 258 -26.50 -18.47 12.63
CA PHE A 258 -27.80 -18.37 13.29
C PHE A 258 -27.95 -19.39 14.41
N ASN A 259 -27.42 -20.60 14.22
CA ASN A 259 -27.33 -21.59 15.32
C ASN A 259 -26.65 -21.03 16.59
N VAL A 260 -25.65 -20.16 16.39
CA VAL A 260 -24.90 -19.58 17.48
C VAL A 260 -25.57 -18.29 17.97
N MET A 261 -25.87 -17.39 17.04
CA MET A 261 -26.29 -16.01 17.36
C MET A 261 -27.78 -15.80 17.52
N GLY A 262 -28.57 -16.74 16.99
CA GLY A 262 -29.97 -16.49 16.72
C GLY A 262 -30.16 -15.80 15.37
N PHE A 263 -31.40 -15.73 14.93
CA PHE A 263 -31.76 -15.05 13.69
C PHE A 263 -32.00 -13.58 14.02
N PRO A 264 -31.40 -12.66 13.23
CA PRO A 264 -31.54 -11.25 13.56
C PRO A 264 -32.97 -10.74 13.42
N ALA A 265 -33.42 -9.96 14.40
CA ALA A 265 -34.72 -9.28 14.34
C ALA A 265 -34.57 -8.07 13.43
N ASP A 266 -35.65 -7.69 12.76
CA ASP A 266 -35.69 -6.43 11.97
C ASP A 266 -34.99 -5.26 12.68
N LYS A 267 -35.29 -5.11 13.97
CA LYS A 267 -34.67 -4.06 14.81
C LYS A 267 -33.15 -4.18 15.01
N ASP A 268 -32.63 -5.41 14.99
CA ASP A 268 -31.20 -5.67 15.19
C ASP A 268 -30.36 -5.25 13.98
N TRP A 269 -30.94 -5.35 12.78
CA TRP A 269 -30.24 -5.06 11.52
C TRP A 269 -31.24 -4.57 10.48
N GLU A 270 -31.56 -3.28 10.56
CA GLU A 270 -32.60 -2.68 9.73
C GLU A 270 -32.32 -2.75 8.24
N ASP A 271 -31.07 -2.55 7.85
CA ASP A 271 -30.67 -2.59 6.44
C ASP A 271 -30.44 -3.99 5.86
N ILE A 272 -30.68 -5.06 6.63
CA ILE A 272 -30.56 -6.42 6.09
C ILE A 272 -31.40 -6.57 4.81
N LYS A 273 -32.54 -5.88 4.76
CA LYS A 273 -33.42 -5.87 3.58
C LYS A 273 -32.78 -5.29 2.31
N LYS A 274 -31.73 -4.48 2.46
CA LYS A 274 -31.01 -3.89 1.32
C LYS A 274 -29.90 -4.77 0.76
N MET A 275 -29.60 -5.89 1.42
CA MET A 275 -28.59 -6.84 0.94
C MET A 275 -29.15 -7.58 -0.29
N PRO A 276 -28.32 -7.78 -1.33
CA PRO A 276 -28.86 -8.42 -2.55
C PRO A 276 -29.40 -9.83 -2.36
N GLU A 277 -28.85 -10.59 -1.40
CA GLU A 277 -29.32 -11.95 -1.10
C GLU A 277 -30.43 -12.03 -0.04
N HIS A 278 -30.92 -10.87 0.43
CA HIS A 278 -31.96 -10.87 1.45
C HIS A 278 -33.16 -11.74 1.12
N SER A 279 -33.64 -11.69 -0.12
CA SER A 279 -34.79 -12.54 -0.50
C SER A 279 -34.46 -14.03 -0.46
N THR A 280 -33.23 -14.38 -0.83
CA THR A 280 -32.79 -15.77 -0.77
C THR A 280 -32.79 -16.25 0.69
N LEU A 281 -32.29 -15.39 1.58
CA LEU A 281 -32.32 -15.63 3.02
C LEU A 281 -33.74 -15.92 3.50
N MET A 282 -34.69 -15.06 3.13
CA MET A 282 -36.10 -15.24 3.51
C MET A 282 -36.70 -16.53 2.94
N LYS A 283 -36.32 -16.89 1.72
CA LYS A 283 -36.79 -18.14 1.09
C LYS A 283 -36.30 -19.38 1.87
N ASP A 284 -35.02 -19.39 2.24
CA ASP A 284 -34.36 -20.55 2.84
C ASP A 284 -34.51 -20.71 4.36
N PHE A 285 -34.65 -19.59 5.09
CA PHE A 285 -34.63 -19.59 6.55
C PHE A 285 -35.93 -19.10 7.19
N ARG A 286 -36.27 -19.70 8.33
CA ARG A 286 -37.37 -19.28 9.17
C ARG A 286 -36.83 -18.89 10.54
N ARG A 287 -37.16 -17.66 10.98
CA ARG A 287 -36.82 -17.15 12.32
C ARG A 287 -37.06 -18.15 13.45
N ASN A 288 -38.21 -18.82 13.37
CA ASN A 288 -38.64 -19.84 14.33
C ASN A 288 -37.62 -20.96 14.60
N THR A 289 -36.83 -21.31 13.59
CA THR A 289 -35.84 -22.39 13.69
C THR A 289 -34.76 -22.10 14.75
N TYR A 290 -34.53 -20.83 15.07
CA TYR A 290 -33.44 -20.40 15.96
C TYR A 290 -33.89 -19.72 17.25
N THR A 291 -35.12 -19.97 17.71
CA THR A 291 -35.66 -19.23 18.88
C THR A 291 -34.89 -19.45 20.20
N ASN A 292 -34.33 -20.65 20.40
CA ASN A 292 -33.52 -20.94 21.60
C ASN A 292 -32.01 -20.65 21.44
N CYS A 293 -31.62 -19.92 20.39
CA CYS A 293 -30.21 -19.67 20.07
C CYS A 293 -29.75 -18.25 20.44
N SER A 294 -28.56 -18.16 21.03
CA SER A 294 -27.96 -16.87 21.36
C SER A 294 -26.50 -17.05 21.71
N LEU A 295 -25.72 -15.99 21.48
CA LEU A 295 -24.32 -15.96 21.86
C LEU A 295 -24.12 -16.23 23.37
N ILE A 296 -24.99 -15.67 24.20
CA ILE A 296 -25.00 -15.96 25.65
C ILE A 296 -25.01 -17.46 25.90
N LYS A 297 -25.98 -18.16 25.30
CA LYS A 297 -26.16 -19.59 25.50
C LYS A 297 -24.98 -20.39 24.95
N TYR A 298 -24.49 -20.02 23.78
CA TYR A 298 -23.32 -20.67 23.23
C TYR A 298 -22.11 -20.56 24.17
N MET A 299 -21.77 -19.34 24.59
CA MET A 299 -20.58 -19.14 25.42
C MET A 299 -20.69 -19.79 26.79
N GLU A 300 -21.89 -19.80 27.38
CA GLU A 300 -22.16 -20.54 28.63
C GLU A 300 -21.79 -22.04 28.52
N LYS A 301 -22.14 -22.65 27.39
CA LYS A 301 -21.80 -24.06 27.13
C LYS A 301 -20.28 -24.31 27.07
N HIS A 302 -19.53 -23.31 26.65
CA HIS A 302 -18.05 -23.37 26.67
C HIS A 302 -17.43 -22.67 27.90
N LYS A 303 -18.20 -22.55 28.99
CA LYS A 303 -17.72 -22.09 30.30
C LYS A 303 -17.09 -20.68 30.31
N VAL A 304 -17.62 -19.81 29.46
CA VAL A 304 -17.33 -18.37 29.49
C VAL A 304 -18.58 -17.73 30.08
N LYS A 305 -18.38 -16.86 31.07
CA LYS A 305 -19.50 -16.28 31.82
C LYS A 305 -20.08 -15.09 31.04
N PRO A 306 -21.42 -15.04 30.89
CA PRO A 306 -22.03 -13.88 30.23
C PRO A 306 -21.97 -12.57 31.04
N ASP A 307 -21.71 -12.67 32.35
CA ASP A 307 -21.44 -11.49 33.20
C ASP A 307 -20.01 -10.91 33.03
N SER A 308 -19.12 -11.63 32.35
CA SER A 308 -17.71 -11.23 32.28
C SER A 308 -17.50 -10.05 31.33
N LYS A 309 -16.51 -9.21 31.63
CA LYS A 309 -16.10 -8.15 30.69
C LYS A 309 -15.62 -8.70 29.36
N ALA A 310 -15.00 -9.88 29.37
CA ALA A 310 -14.67 -10.61 28.13
C ALA A 310 -15.89 -10.86 27.21
N PHE A 311 -16.99 -11.35 27.77
CA PHE A 311 -18.19 -11.64 26.97
C PHE A 311 -18.82 -10.36 26.41
N HIS A 312 -18.86 -9.32 27.24
CA HIS A 312 -19.46 -8.05 26.81
C HIS A 312 -18.67 -7.39 25.68
N LEU A 313 -17.34 -7.45 25.73
CA LEU A 313 -16.53 -7.04 24.58
C LEU A 313 -16.79 -7.92 23.36
N LEU A 314 -16.79 -9.23 23.55
CA LEU A 314 -17.05 -10.17 22.45
C LEU A 314 -18.38 -9.90 21.73
N GLN A 315 -19.42 -9.62 22.49
CA GLN A 315 -20.74 -9.33 21.94
C GLN A 315 -20.79 -8.03 21.13
N LYS A 316 -19.96 -7.06 21.50
CA LYS A 316 -19.84 -5.81 20.76
C LYS A 316 -19.05 -5.99 19.46
N LEU A 317 -18.11 -6.94 19.44
CA LEU A 317 -17.39 -7.29 18.21
C LEU A 317 -18.28 -8.11 17.26
N LEU A 318 -18.96 -9.12 17.79
CA LEU A 318 -19.83 -10.01 16.99
C LEU A 318 -21.27 -9.49 16.96
N THR A 319 -21.44 -8.28 16.43
CA THR A 319 -22.77 -7.73 16.20
C THR A 319 -23.08 -7.93 14.74
N MET A 320 -24.29 -8.39 14.47
CA MET A 320 -24.66 -8.83 13.13
C MET A 320 -24.73 -7.67 12.15
N ASP A 321 -25.33 -6.55 12.59
CA ASP A 321 -25.42 -5.37 11.75
C ASP A 321 -24.05 -4.66 11.77
N PRO A 322 -23.38 -4.52 10.61
CA PRO A 322 -22.02 -3.93 10.60
C PRO A 322 -21.93 -2.50 11.16
N ILE A 323 -22.97 -1.70 11.00
CA ILE A 323 -22.95 -0.34 11.56
C ILE A 323 -23.12 -0.34 13.10
N LYS A 324 -23.50 -1.48 13.68
CA LYS A 324 -23.59 -1.62 15.15
C LYS A 324 -22.38 -2.30 15.81
N ARG A 325 -21.35 -2.64 15.04
CA ARG A 325 -20.11 -3.20 15.59
C ARG A 325 -19.23 -2.07 16.05
N ILE A 326 -18.57 -2.24 17.19
CA ILE A 326 -17.59 -1.24 17.63
C ILE A 326 -16.35 -1.20 16.71
N THR A 327 -15.68 -0.07 16.71
CA THR A 327 -14.44 0.12 15.98
C THR A 327 -13.28 -0.49 16.76
N SER A 328 -12.13 -0.61 16.12
CA SER A 328 -10.94 -1.15 16.78
C SER A 328 -10.48 -0.25 17.93
N GLU A 329 -10.57 1.07 17.77
CA GLU A 329 -10.16 2.00 18.83
C GLU A 329 -11.02 1.86 20.08
N GLN A 330 -12.33 1.77 19.88
CA GLN A 330 -13.28 1.60 20.99
C GLN A 330 -13.08 0.27 21.70
N ALA A 331 -12.77 -0.78 20.94
CA ALA A 331 -12.46 -2.08 21.54
C ALA A 331 -11.19 -2.00 22.41
N MET A 332 -10.17 -1.30 21.93
CA MET A 332 -8.94 -1.09 22.74
C MET A 332 -9.19 -0.31 24.03
N GLN A 333 -10.22 0.55 24.03
CA GLN A 333 -10.63 1.34 25.19
C GLN A 333 -11.55 0.60 26.17
N ASP A 334 -11.97 -0.62 25.83
CA ASP A 334 -12.90 -1.40 26.66
C ASP A 334 -12.34 -1.63 28.07
N PRO A 335 -13.23 -1.64 29.09
CA PRO A 335 -12.76 -1.91 30.47
C PRO A 335 -12.16 -3.32 30.70
N TYR A 336 -12.45 -4.27 29.80
CA TYR A 336 -11.77 -5.58 29.76
C TYR A 336 -10.26 -5.46 29.88
N PHE A 337 -9.67 -4.51 29.17
CA PHE A 337 -8.23 -4.31 29.20
C PHE A 337 -7.70 -3.55 30.41
N LEU A 338 -8.60 -2.97 31.22
CA LEU A 338 -8.24 -2.36 32.50
C LEU A 338 -8.41 -3.35 33.67
N GLU A 339 -9.09 -4.46 33.43
CA GLU A 339 -9.35 -5.48 34.44
C GLU A 339 -8.10 -6.33 34.67
N ASP A 340 -7.92 -6.82 35.90
CA ASP A 340 -6.86 -7.77 36.21
C ASP A 340 -7.16 -9.09 35.50
N PRO A 341 -6.20 -9.63 34.69
CA PRO A 341 -4.83 -9.20 34.41
C PRO A 341 -4.67 -8.25 33.24
N LEU A 342 -3.65 -7.39 33.33
CA LEU A 342 -3.37 -6.40 32.30
C LEU A 342 -2.71 -7.06 31.08
N PRO A 343 -2.98 -6.54 29.88
CA PRO A 343 -2.23 -6.97 28.69
C PRO A 343 -0.73 -6.78 28.87
N THR A 344 0.06 -7.71 28.32
CA THR A 344 1.50 -7.65 28.32
C THR A 344 2.03 -7.59 26.88
N SER A 345 3.19 -6.95 26.70
CA SER A 345 3.86 -6.85 25.39
C SER A 345 4.27 -8.21 24.87
N ASP A 346 4.84 -9.03 25.76
CA ASP A 346 5.11 -10.44 25.52
C ASP A 346 3.83 -11.16 25.93
N VAL A 347 3.18 -11.74 24.93
CA VAL A 347 1.92 -12.47 25.11
C VAL A 347 2.11 -13.71 26.00
N PHE A 348 3.33 -14.26 26.03
CA PHE A 348 3.67 -15.43 26.86
C PHE A 348 4.07 -15.06 28.31
N ALA A 349 4.09 -13.77 28.63
CA ALA A 349 4.35 -13.23 29.99
C ALA A 349 5.58 -13.82 30.68
N GLY A 350 6.68 -13.90 29.96
CA GLY A 350 7.94 -14.46 30.49
C GLY A 350 8.01 -15.98 30.72
N CYS A 351 6.91 -16.70 30.45
CA CYS A 351 6.82 -18.15 30.68
C CYS A 351 7.44 -18.93 29.52
N GLN A 352 7.79 -20.19 29.78
CA GLN A 352 8.27 -21.11 28.74
C GLN A 352 7.25 -21.21 27.58
N ILE A 353 7.74 -21.20 26.34
CA ILE A 353 6.89 -21.38 25.16
C ILE A 353 6.80 -22.89 24.92
N PRO A 354 5.62 -23.50 25.13
CA PRO A 354 5.50 -24.95 24.90
C PRO A 354 5.30 -25.33 23.43
N TYR A 355 4.97 -24.35 22.58
CA TYR A 355 4.51 -24.59 21.23
C TYR A 355 5.69 -25.00 20.35
N PRO A 356 5.50 -25.99 19.46
CA PRO A 356 6.60 -26.38 18.55
C PRO A 356 7.08 -25.29 17.58
N LYS A 357 8.37 -25.34 17.26
CA LYS A 357 8.97 -24.53 16.20
C LYS A 357 8.48 -25.00 14.83
N ARG A 358 8.63 -24.17 13.81
CA ARG A 358 8.20 -24.54 12.45
C ARG A 358 9.06 -25.66 11.86
N GLU A 359 8.41 -26.61 11.21
CA GLU A 359 9.12 -27.72 10.58
C GLU A 359 9.50 -27.33 9.14
N PHE A 360 10.70 -27.74 8.71
CA PHE A 360 11.14 -27.53 7.34
C PHE A 360 10.48 -28.54 6.40
N LEU A 361 10.08 -28.10 5.21
CA LEU A 361 9.48 -28.97 4.19
C LEU A 361 10.52 -29.55 3.23
N ASP B 2 -11.97 6.18 1.70
CA ASP B 2 -10.73 6.97 1.45
C ASP B 2 -9.54 6.06 1.14
N LYS B 3 -8.49 6.63 0.54
CA LYS B 3 -7.40 5.86 -0.06
C LYS B 3 -6.27 5.50 0.92
N ALA B 4 -5.54 4.44 0.59
CA ALA B 4 -4.49 3.86 1.43
C ALA B 4 -3.36 4.85 1.72
N MET B 5 -2.97 4.93 2.99
CA MET B 5 -1.87 5.80 3.45
C MET B 5 -2.14 7.30 3.32
N ALA B 6 -3.41 7.67 3.14
CA ALA B 6 -3.82 9.05 2.87
C ALA B 6 -3.26 10.10 3.85
N GLY B 7 -3.31 9.82 5.14
CA GLY B 7 -2.84 10.78 6.15
C GLY B 7 -1.42 10.58 6.66
N ASN B 8 -0.61 9.82 5.93
CA ASN B 8 0.68 9.34 6.43
C ASN B 8 1.91 10.06 5.83
N PHE B 9 1.71 11.22 5.19
CA PHE B 9 2.84 11.89 4.49
C PHE B 9 4.08 12.01 5.39
N TRP B 10 3.90 12.49 6.62
CA TRP B 10 5.04 12.76 7.52
C TRP B 10 5.82 11.53 7.98
N GLN B 11 5.23 10.34 7.83
CA GLN B 11 5.89 9.08 8.13
C GLN B 11 6.19 8.29 6.85
N SER B 12 6.00 8.90 5.68
CA SER B 12 6.05 8.22 4.39
C SER B 12 7.47 8.15 3.81
N SER B 13 7.65 7.22 2.87
CA SER B 13 8.90 7.10 2.13
C SER B 13 9.11 8.33 1.21
N HIS B 14 8.00 8.85 0.65
CA HIS B 14 8.02 10.10 -0.12
C HIS B 14 8.74 11.18 0.68
N TYR B 15 8.27 11.47 1.89
CA TYR B 15 8.85 12.54 2.72
C TYR B 15 10.28 12.25 3.20
N LEU B 16 10.49 11.02 3.70
CA LEU B 16 11.71 10.66 4.43
C LEU B 16 12.90 10.32 3.51
N GLN B 17 12.63 9.87 2.27
CA GLN B 17 13.66 9.59 1.28
C GLN B 17 13.62 10.44 0.01
N TRP B 18 12.44 10.91 -0.41
CA TRP B 18 12.30 11.51 -1.75
C TRP B 18 11.94 13.00 -1.80
N ILE B 19 12.11 13.69 -0.68
CA ILE B 19 12.24 15.15 -0.67
C ILE B 19 13.76 15.46 -0.63
N LEU B 20 14.30 15.98 -1.73
CA LEU B 20 15.75 16.08 -1.91
C LEU B 20 16.28 17.46 -1.56
N ASP B 21 17.58 17.55 -1.30
CA ASP B 21 18.26 18.84 -1.12
C ASP B 21 18.51 19.41 -2.52
N LYS B 22 18.16 20.67 -2.73
CA LYS B 22 18.38 21.34 -4.04
C LYS B 22 19.83 21.28 -4.53
N GLN B 23 20.76 21.50 -3.60
CA GLN B 23 22.19 21.44 -3.88
C GLN B 23 22.68 20.04 -4.26
N ASP B 24 22.17 19.00 -3.59
CA ASP B 24 22.46 17.61 -4.00
C ASP B 24 21.91 17.32 -5.40
N LEU B 25 20.69 17.79 -5.69
CA LEU B 25 20.08 17.64 -7.03
C LEU B 25 20.95 18.33 -8.11
N LEU B 26 21.30 19.58 -7.85
CA LEU B 26 22.13 20.38 -8.77
C LEU B 26 23.54 19.80 -8.97
N LYS B 27 24.11 19.20 -7.93
CA LYS B 27 25.40 18.49 -8.05
C LYS B 27 25.33 17.29 -8.99
N GLU B 28 24.31 16.45 -8.81
CA GLU B 28 24.12 15.27 -9.68
C GLU B 28 23.79 15.64 -11.14
N ARG B 29 23.24 16.82 -11.35
CA ARG B 29 22.91 17.31 -12.68
C ARG B 29 24.12 17.75 -13.51
N GLN B 30 25.25 18.05 -12.86
CA GLN B 30 26.47 18.49 -13.57
C GLN B 30 26.98 17.51 -14.63
N LYS B 31 26.73 16.21 -14.44
CA LYS B 31 27.06 15.17 -15.44
C LYS B 31 26.48 15.55 -16.80
N ASP B 32 25.18 15.84 -16.82
CA ASP B 32 24.49 16.15 -18.08
C ASP B 32 24.70 17.59 -18.54
N LEU B 33 25.11 18.47 -17.63
CA LEU B 33 25.36 19.88 -17.98
C LEU B 33 26.68 20.09 -18.73
N LYS B 34 27.51 19.05 -18.85
CA LYS B 34 28.65 19.06 -19.78
C LYS B 34 28.14 19.06 -21.23
N PHE B 35 27.03 18.35 -21.48
CA PHE B 35 26.45 18.21 -22.82
C PHE B 35 25.38 19.26 -23.12
N LEU B 36 24.52 19.51 -22.13
CA LEU B 36 23.39 20.43 -22.25
C LEU B 36 23.58 21.69 -21.41
N SER B 37 23.05 22.82 -21.87
CA SER B 37 22.95 24.02 -21.01
C SER B 37 21.83 23.83 -19.96
N GLU B 38 21.80 24.71 -18.96
CA GLU B 38 20.79 24.66 -17.90
C GLU B 38 19.39 24.86 -18.47
N GLU B 39 19.26 25.85 -19.35
CA GLU B 39 18.03 26.14 -20.07
C GLU B 39 17.56 24.91 -20.89
N GLU B 40 18.47 24.31 -21.66
CA GLU B 40 18.15 23.12 -22.45
C GLU B 40 17.73 21.91 -21.63
N TYR B 41 18.38 21.71 -20.49
CA TYR B 41 18.00 20.66 -19.54
C TYR B 41 16.60 20.89 -18.99
N TRP B 42 16.27 22.12 -18.64
CA TRP B 42 14.90 22.46 -18.18
C TRP B 42 13.89 22.23 -19.34
N LYS B 43 14.25 22.66 -20.55
CA LYS B 43 13.39 22.45 -21.73
C LYS B 43 13.12 20.97 -21.99
N LEU B 44 14.14 20.13 -21.80
CA LEU B 44 14.01 18.69 -21.95
C LEU B 44 13.04 18.11 -20.92
N GLN B 45 13.10 18.60 -19.68
CA GLN B 45 12.23 18.06 -18.64
C GLN B 45 10.75 18.49 -18.84
N ILE B 46 10.53 19.69 -19.39
CA ILE B 46 9.18 20.12 -19.84
C ILE B 46 8.68 19.19 -20.96
N PHE B 47 9.54 18.94 -21.94
CA PHE B 47 9.20 18.04 -23.06
C PHE B 47 8.75 16.67 -22.58
N PHE B 48 9.50 16.05 -21.68
CA PHE B 48 9.13 14.71 -21.20
C PHE B 48 7.95 14.69 -20.22
N THR B 49 7.73 15.78 -19.52
CA THR B 49 6.49 15.97 -18.78
C THR B 49 5.31 15.95 -19.74
N ASN B 50 5.43 16.65 -20.87
CA ASN B 50 4.40 16.65 -21.91
C ASN B 50 4.20 15.29 -22.58
N VAL B 51 5.29 14.54 -22.77
CA VAL B 51 5.20 13.19 -23.32
C VAL B 51 4.42 12.27 -22.40
N ILE B 52 4.73 12.31 -21.10
CA ILE B 52 4.03 11.46 -20.12
C ILE B 52 2.54 11.84 -20.05
N GLN B 53 2.24 13.14 -20.02
CA GLN B 53 0.85 13.62 -20.05
C GLN B 53 0.12 13.06 -21.28
N ALA B 54 0.75 13.15 -22.45
CA ALA B 54 0.14 12.67 -23.69
C ALA B 54 -0.11 11.15 -23.67
N LEU B 55 0.87 10.38 -23.18
CA LEU B 55 0.72 8.93 -23.03
C LEU B 55 -0.46 8.56 -22.15
N GLY B 56 -0.50 9.18 -20.98
CA GLY B 56 -1.59 9.03 -20.03
C GLY B 56 -2.95 9.36 -20.62
N GLU B 57 -3.04 10.49 -21.31
CA GLU B 57 -4.27 10.90 -22.01
C GLU B 57 -4.74 9.85 -23.02
N HIS B 58 -3.81 9.33 -23.81
CA HIS B 58 -4.10 8.30 -24.80
C HIS B 58 -4.61 6.99 -24.16
N LEU B 59 -4.05 6.63 -23.00
CA LEU B 59 -4.47 5.44 -22.27
C LEU B 59 -5.73 5.62 -21.41
N LYS B 60 -6.24 6.85 -21.30
CA LYS B 60 -7.46 7.17 -20.52
C LYS B 60 -7.24 7.00 -19.02
N LEU B 61 -6.10 7.49 -18.55
CA LEU B 61 -5.72 7.41 -17.14
C LEU B 61 -6.04 8.72 -16.43
N ARG B 62 -6.46 8.62 -15.17
CA ARG B 62 -6.76 9.80 -14.36
C ARG B 62 -5.48 10.58 -14.06
N GLN B 63 -5.61 11.89 -13.82
CA GLN B 63 -4.46 12.80 -13.64
C GLN B 63 -3.45 12.31 -12.59
N GLN B 64 -3.96 11.66 -11.54
CA GLN B 64 -3.17 11.12 -10.45
C GLN B 64 -2.19 10.03 -10.87
N VAL B 65 -2.61 9.15 -11.79
CA VAL B 65 -1.73 8.15 -12.36
C VAL B 65 -0.63 8.83 -13.18
N ILE B 66 -1.00 9.82 -13.98
CA ILE B 66 -0.03 10.59 -14.78
C ILE B 66 0.96 11.33 -13.88
N ALA B 67 0.47 11.90 -12.77
CA ALA B 67 1.35 12.61 -11.84
C ALA B 67 2.38 11.71 -11.17
N THR B 68 1.95 10.51 -10.76
CA THR B 68 2.82 9.51 -10.16
C THR B 68 3.89 9.05 -11.17
N ALA B 69 3.46 8.74 -12.39
CA ALA B 69 4.39 8.41 -13.48
C ALA B 69 5.43 9.51 -13.68
N THR B 70 5.00 10.77 -13.56
CA THR B 70 5.88 11.92 -13.76
C THR B 70 6.89 12.03 -12.63
N VAL B 71 6.45 11.75 -11.40
CA VAL B 71 7.36 11.76 -10.24
C VAL B 71 8.39 10.64 -10.36
N TYR B 72 7.96 9.44 -10.72
CA TYR B 72 8.89 8.33 -10.96
C TYR B 72 10.00 8.68 -11.96
N PHE B 73 9.61 9.28 -13.08
CA PHE B 73 10.55 9.73 -14.11
C PHE B 73 11.53 10.76 -13.56
N LYS B 74 11.03 11.70 -12.79
CA LYS B 74 11.86 12.76 -12.21
C LYS B 74 12.90 12.22 -11.23
N ARG B 75 12.45 11.33 -10.35
CA ARG B 75 13.29 10.64 -9.39
C ARG B 75 14.42 9.85 -10.04
N PHE B 76 14.14 9.18 -11.16
CA PHE B 76 15.19 8.45 -11.88
C PHE B 76 16.31 9.35 -12.38
N TYR B 77 15.97 10.42 -13.08
CA TYR B 77 16.98 11.33 -13.64
C TYR B 77 17.50 12.41 -12.67
N ALA B 78 16.90 12.47 -11.47
CA ALA B 78 17.47 13.19 -10.32
C ALA B 78 18.76 12.52 -9.87
N ARG B 79 18.79 11.19 -9.93
CA ARG B 79 19.98 10.40 -9.59
C ARG B 79 20.90 10.15 -10.78
N TYR B 80 20.35 9.73 -11.92
CA TYR B 80 21.15 9.28 -13.08
C TYR B 80 21.12 10.16 -14.31
N SER B 81 22.16 10.01 -15.12
CA SER B 81 22.26 10.69 -16.40
C SER B 81 21.15 10.26 -17.35
N LEU B 82 20.78 11.20 -18.22
CA LEU B 82 19.90 10.94 -19.35
C LEU B 82 20.42 9.87 -20.32
N LYS B 83 21.72 9.59 -20.32
CA LYS B 83 22.31 8.52 -21.13
C LYS B 83 22.18 7.11 -20.55
N SER B 84 21.76 6.97 -19.29
CA SER B 84 21.75 5.68 -18.63
C SER B 84 20.69 4.77 -19.23
N ILE B 85 19.46 5.29 -19.31
CA ILE B 85 18.37 4.63 -20.02
C ILE B 85 17.69 5.70 -20.87
N ASP B 86 17.36 5.33 -22.10
CA ASP B 86 16.66 6.20 -23.03
C ASP B 86 15.37 6.70 -22.37
N PRO B 87 15.19 8.03 -22.23
CA PRO B 87 13.94 8.53 -21.65
C PRO B 87 12.69 8.25 -22.51
N VAL B 88 12.86 8.00 -23.81
CA VAL B 88 11.77 7.51 -24.66
C VAL B 88 11.26 6.15 -24.17
N LEU B 89 12.13 5.32 -23.60
CA LEU B 89 11.77 4.04 -23.00
C LEU B 89 11.25 4.19 -21.56
N MET B 90 11.92 5.01 -20.76
CA MET B 90 11.55 5.23 -19.36
C MET B 90 10.12 5.83 -19.20
N ALA B 91 9.77 6.83 -20.01
CA ALA B 91 8.44 7.48 -19.94
C ALA B 91 7.27 6.49 -19.93
N PRO B 92 7.15 5.63 -20.98
CA PRO B 92 6.07 4.65 -20.94
C PRO B 92 6.24 3.59 -19.84
N THR B 93 7.48 3.32 -19.41
CA THR B 93 7.71 2.40 -18.31
C THR B 93 7.14 2.98 -16.99
N CYS B 94 7.27 4.29 -16.81
CA CYS B 94 6.79 4.98 -15.61
C CYS B 94 5.26 4.96 -15.57
N VAL B 95 4.63 5.28 -16.69
CA VAL B 95 3.18 5.18 -16.81
C VAL B 95 2.67 3.75 -16.50
N PHE B 96 3.38 2.74 -17.04
CA PHE B 96 3.03 1.34 -16.85
C PHE B 96 3.09 0.90 -15.37
N LEU B 97 4.18 1.28 -14.68
CA LEU B 97 4.34 0.97 -13.28
C LEU B 97 3.33 1.74 -12.43
N ALA B 98 3.24 3.05 -12.66
CA ALA B 98 2.28 3.92 -11.99
C ALA B 98 0.83 3.41 -12.09
N SER B 99 0.46 2.88 -13.27
CA SER B 99 -0.88 2.34 -13.50
C SER B 99 -1.17 1.13 -12.61
N LYS B 100 -0.16 0.30 -12.36
CA LYS B 100 -0.29 -0.80 -11.42
C LYS B 100 -0.41 -0.31 -9.98
N VAL B 101 0.40 0.71 -9.61
CA VAL B 101 0.43 1.18 -8.24
C VAL B 101 -0.90 1.84 -7.87
N GLU B 102 -1.40 2.71 -8.75
CA GLU B 102 -2.65 3.43 -8.53
C GLU B 102 -3.92 2.60 -8.82
N GLU B 103 -3.77 1.29 -9.03
CA GLU B 103 -4.88 0.30 -9.09
C GLU B 103 -5.80 0.48 -10.31
N PHE B 104 -5.23 0.92 -11.43
CA PHE B 104 -5.95 0.93 -12.71
C PHE B 104 -5.55 -0.24 -13.65
N GLY B 105 -4.62 -1.07 -13.21
CA GLY B 105 -4.39 -2.40 -13.81
C GLY B 105 -3.08 -2.52 -14.58
N VAL B 106 -2.85 -3.72 -15.11
CA VAL B 106 -1.72 -3.98 -16.00
C VAL B 106 -2.20 -3.60 -17.41
N VAL B 107 -1.68 -2.48 -17.93
CA VAL B 107 -1.92 -2.06 -19.30
C VAL B 107 -1.36 -3.17 -20.20
N SER B 108 -2.16 -3.66 -21.14
CA SER B 108 -1.76 -4.85 -21.90
C SER B 108 -0.53 -4.55 -22.75
N ASN B 109 0.20 -5.62 -23.11
CA ASN B 109 1.36 -5.51 -24.01
C ASN B 109 1.03 -4.65 -25.20
N THR B 110 -0.04 -5.04 -25.90
CA THR B 110 -0.46 -4.41 -27.13
C THR B 110 -0.80 -2.94 -26.93
N ARG B 111 -1.56 -2.65 -25.88
CA ARG B 111 -2.06 -1.29 -25.70
C ARG B 111 -0.95 -0.30 -25.29
N LEU B 112 -0.03 -0.72 -24.42
CA LEU B 112 1.08 0.15 -24.05
C LEU B 112 1.97 0.48 -25.26
N ILE B 113 2.37 -0.54 -26.01
CA ILE B 113 3.26 -0.34 -27.17
C ILE B 113 2.56 0.50 -28.25
N ALA B 114 1.30 0.18 -28.55
CA ALA B 114 0.48 0.98 -29.49
C ALA B 114 0.32 2.43 -29.06
N ALA B 115 0.20 2.66 -27.75
CA ALA B 115 0.08 4.01 -27.21
C ALA B 115 1.38 4.80 -27.36
N ALA B 116 2.52 4.18 -27.02
CA ALA B 116 3.83 4.81 -27.21
C ALA B 116 4.07 5.14 -28.68
N THR B 117 3.78 4.18 -29.55
CA THR B 117 3.94 4.36 -30.99
C THR B 117 3.09 5.50 -31.55
N SER B 118 1.81 5.52 -31.18
CA SER B 118 0.83 6.45 -31.74
C SER B 118 1.02 7.88 -31.23
N VAL B 119 1.34 8.02 -29.95
CA VAL B 119 1.59 9.36 -29.36
C VAL B 119 2.83 10.03 -29.96
N LEU B 120 3.93 9.29 -30.04
CA LEU B 120 5.14 9.83 -30.63
C LEU B 120 4.90 10.22 -32.07
N LYS B 121 4.23 9.35 -32.82
CA LYS B 121 3.97 9.58 -34.24
C LYS B 121 3.02 10.76 -34.49
N THR B 122 1.95 10.88 -33.69
CA THR B 122 0.88 11.84 -34.01
C THR B 122 1.00 13.18 -33.27
N ARG B 123 1.53 13.14 -32.05
CA ARG B 123 1.67 14.36 -31.25
C ARG B 123 3.09 14.90 -31.13
N PHE B 124 4.10 14.10 -31.50
CA PHE B 124 5.51 14.45 -31.31
C PHE B 124 6.41 14.16 -32.52
N SER B 125 5.87 14.15 -33.74
CA SER B 125 6.71 13.88 -34.92
C SER B 125 7.78 14.95 -35.17
N TYR B 126 7.56 16.18 -34.69
CA TYR B 126 8.57 17.25 -34.73
C TYR B 126 9.87 16.90 -33.98
N ALA B 127 9.74 16.10 -32.94
CA ALA B 127 10.88 15.63 -32.13
C ALA B 127 11.49 14.33 -32.67
N PHE B 128 10.65 13.44 -33.19
CA PHE B 128 11.07 12.07 -33.50
C PHE B 128 10.84 11.68 -34.97
N PRO B 129 11.93 11.50 -35.74
CA PRO B 129 11.77 11.04 -37.13
C PRO B 129 11.43 9.54 -37.22
N LYS B 130 12.00 8.73 -36.33
CA LYS B 130 11.81 7.27 -36.33
C LYS B 130 10.61 6.89 -35.48
N GLU B 131 9.92 5.82 -35.85
CA GLU B 131 8.87 5.24 -35.00
C GLU B 131 9.46 4.67 -33.69
N PHE B 132 8.66 4.68 -32.63
CA PHE B 132 9.00 4.07 -31.33
C PHE B 132 9.63 2.69 -31.53
N PRO B 133 10.93 2.52 -31.20
CA PRO B 133 11.62 1.27 -31.51
C PRO B 133 11.49 0.18 -30.44
N TYR B 134 10.96 0.49 -29.27
CA TYR B 134 10.94 -0.47 -28.17
C TYR B 134 9.69 -1.36 -28.16
N ARG B 135 9.90 -2.53 -27.56
CA ARG B 135 8.93 -3.60 -27.42
C ARG B 135 8.78 -3.92 -25.92
N MET B 136 7.85 -4.81 -25.61
CA MET B 136 7.45 -5.04 -24.25
C MET B 136 8.58 -5.59 -23.36
N ASN B 137 9.46 -6.41 -23.92
CA ASN B 137 10.60 -6.94 -23.17
C ASN B 137 11.56 -5.85 -22.71
N HIS B 138 11.66 -4.78 -23.51
CA HIS B 138 12.42 -3.58 -23.10
C HIS B 138 11.75 -2.83 -21.94
N ILE B 139 10.42 -2.72 -21.99
CA ILE B 139 9.65 -2.07 -20.91
C ILE B 139 9.84 -2.86 -19.60
N LEU B 140 9.76 -4.19 -19.66
CA LEU B 140 9.83 -5.03 -18.47
C LEU B 140 11.22 -5.00 -17.83
N GLU B 141 12.27 -4.93 -18.64
CA GLU B 141 13.64 -4.76 -18.13
C GLU B 141 13.77 -3.41 -17.46
N CYS B 142 13.32 -2.36 -18.14
CA CYS B 142 13.41 -0.99 -17.61
C CYS B 142 12.65 -0.82 -16.28
N GLU B 143 11.54 -1.55 -16.13
CA GLU B 143 10.70 -1.48 -14.93
C GLU B 143 11.46 -1.98 -13.70
N PHE B 144 12.25 -3.04 -13.87
CA PHE B 144 13.14 -3.55 -12.82
C PHE B 144 14.21 -2.52 -12.41
N TYR B 145 14.83 -1.82 -13.36
CA TYR B 145 15.81 -0.76 -13.03
C TYR B 145 15.15 0.40 -12.29
N LEU B 146 13.98 0.82 -12.76
CA LEU B 146 13.24 1.92 -12.14
C LEU B 146 12.87 1.63 -10.68
N LEU B 147 12.34 0.43 -10.43
CA LEU B 147 11.92 0.02 -9.08
C LEU B 147 13.09 0.01 -8.11
N GLU B 148 14.24 -0.46 -8.58
CA GLU B 148 15.48 -0.44 -7.80
C GLU B 148 15.95 0.97 -7.46
N LEU B 149 16.07 1.86 -8.46
CA LEU B 149 16.51 3.24 -8.18
C LEU B 149 15.66 3.85 -7.13
N MET B 150 14.35 3.69 -7.31
CA MET B 150 13.38 4.28 -6.39
C MET B 150 13.37 3.62 -5.01
N ASP B 151 14.23 2.62 -4.79
CA ASP B 151 14.31 1.88 -3.52
C ASP B 151 12.90 1.34 -3.17
N CYS B 152 12.20 0.85 -4.20
CA CYS B 152 10.82 0.38 -4.12
C CYS B 152 9.84 1.35 -3.42
N CYS B 153 10.04 2.65 -3.60
CA CYS B 153 9.17 3.68 -3.02
C CYS B 153 8.11 4.02 -4.07
N LEU B 154 6.94 3.41 -3.96
CA LEU B 154 5.91 3.45 -4.99
C LEU B 154 4.78 4.45 -4.71
N ILE B 155 4.33 4.52 -3.46
CA ILE B 155 3.26 5.42 -3.09
C ILE B 155 3.75 6.88 -3.05
N VAL B 156 3.09 7.72 -3.85
CA VAL B 156 3.46 9.12 -4.04
C VAL B 156 2.27 10.04 -3.70
N TYR B 157 2.55 11.13 -2.97
CA TYR B 157 1.58 12.15 -2.58
C TYR B 157 1.65 13.34 -3.53
N HIS B 158 0.49 13.93 -3.82
CA HIS B 158 0.42 15.00 -4.81
C HIS B 158 -0.35 16.19 -4.24
N PRO B 159 -0.24 17.37 -4.87
CA PRO B 159 -0.92 18.55 -4.31
C PRO B 159 -2.43 18.66 -4.53
N TYR B 160 -3.03 17.74 -5.29
CA TYR B 160 -4.43 17.85 -5.68
C TYR B 160 -5.38 17.72 -4.50
N ARG B 161 -5.12 16.72 -3.64
CA ARG B 161 -5.92 16.53 -2.43
C ARG B 161 -5.83 17.73 -1.48
N PRO B 162 -4.62 18.13 -1.03
CA PRO B 162 -4.59 19.33 -0.18
C PRO B 162 -5.23 20.56 -0.83
N LEU B 163 -4.99 20.76 -2.12
CA LEU B 163 -5.62 21.86 -2.86
C LEU B 163 -7.14 21.84 -2.72
N LEU B 164 -7.75 20.69 -3.00
CA LEU B 164 -9.20 20.56 -2.92
C LEU B 164 -9.68 20.89 -1.52
N GLN B 165 -8.97 20.40 -0.51
CA GLN B 165 -9.30 20.72 0.90
C GLN B 165 -9.15 22.22 1.19
N TYR B 166 -8.11 22.85 0.67
CA TYR B 166 -7.92 24.30 0.91
C TYR B 166 -9.05 25.18 0.31
N VAL B 167 -9.40 24.94 -0.95
CA VAL B 167 -10.50 25.71 -1.59
C VAL B 167 -11.89 25.43 -1.00
N GLN B 168 -12.15 24.19 -0.59
CA GLN B 168 -13.39 23.87 0.15
C GLN B 168 -13.49 24.72 1.42
N ASP B 169 -12.40 24.79 2.19
CA ASP B 169 -12.32 25.64 3.39
C ASP B 169 -12.59 27.13 3.11
N MET B 170 -12.02 27.65 2.02
CA MET B 170 -12.29 29.04 1.57
C MET B 170 -13.75 29.28 1.19
N GLY B 171 -14.41 28.23 0.70
CA GLY B 171 -15.77 28.33 0.15
C GLY B 171 -15.74 28.88 -1.27
N GLN B 172 -14.67 28.56 -2.00
CA GLN B 172 -14.41 29.14 -3.32
C GLN B 172 -14.07 28.08 -4.38
N GLU B 173 -14.71 26.91 -4.26
CA GLU B 173 -14.38 25.77 -5.12
C GLU B 173 -14.69 26.05 -6.60
N ASP B 174 -15.87 26.56 -6.90
CA ASP B 174 -16.26 26.85 -8.29
C ASP B 174 -15.40 27.96 -8.90
N MET B 175 -15.06 28.97 -8.12
CA MET B 175 -14.34 30.14 -8.64
C MET B 175 -12.88 29.84 -8.90
N LEU B 176 -12.21 29.21 -7.93
CA LEU B 176 -10.73 29.08 -7.90
C LEU B 176 -10.16 27.72 -8.29
N LEU B 177 -10.94 26.65 -8.15
CA LEU B 177 -10.39 25.30 -8.28
C LEU B 177 -9.90 25.00 -9.70
N PRO B 178 -10.70 25.29 -10.74
CA PRO B 178 -10.18 24.97 -12.09
C PRO B 178 -8.82 25.59 -12.39
N LEU B 179 -8.65 26.87 -12.07
CA LEU B 179 -7.37 27.54 -12.32
C LEU B 179 -6.24 26.99 -11.45
N ALA B 180 -6.46 26.88 -10.14
CA ALA B 180 -5.45 26.33 -9.21
C ALA B 180 -5.06 24.90 -9.59
N TRP B 181 -6.03 24.09 -9.98
CA TRP B 181 -5.78 22.71 -10.43
C TRP B 181 -4.83 22.72 -11.64
N ARG B 182 -5.07 23.57 -12.63
CA ARG B 182 -4.18 23.62 -13.81
C ARG B 182 -2.80 24.13 -13.45
N ILE B 183 -2.72 25.04 -12.47
CA ILE B 183 -1.43 25.55 -12.03
C ILE B 183 -0.66 24.40 -11.36
N VAL B 184 -1.34 23.56 -10.59
CA VAL B 184 -0.69 22.33 -10.05
C VAL B 184 -0.17 21.40 -11.17
N ASN B 185 -0.95 21.22 -12.23
CA ASN B 185 -0.45 20.47 -13.39
C ASN B 185 0.86 21.09 -13.90
N ASP B 186 0.88 22.41 -14.00
CA ASP B 186 2.02 23.13 -14.57
C ASP B 186 3.29 23.01 -13.72
N THR B 187 3.15 22.83 -12.39
CA THR B 187 4.32 22.70 -11.51
C THR B 187 5.12 21.44 -11.81
N TYR B 188 4.50 20.40 -12.38
CA TYR B 188 5.22 19.19 -12.75
C TYR B 188 6.21 19.38 -13.90
N ARG B 189 6.17 20.51 -14.60
CA ARG B 189 7.26 20.83 -15.52
C ARG B 189 8.46 21.51 -14.86
N THR B 190 8.51 21.48 -13.53
CA THR B 190 9.66 21.96 -12.72
C THR B 190 10.10 20.88 -11.72
N ASP B 191 11.18 21.18 -10.99
CA ASP B 191 11.67 20.29 -9.92
C ASP B 191 10.88 20.35 -8.60
N LEU B 192 9.78 21.10 -8.54
CA LEU B 192 9.11 21.39 -7.27
C LEU B 192 8.73 20.17 -6.47
N CYS B 193 8.19 19.15 -7.14
CA CYS B 193 7.74 17.92 -6.44
C CYS B 193 8.86 17.16 -5.71
N LEU B 194 10.10 17.35 -6.14
CA LEU B 194 11.28 16.77 -5.48
C LEU B 194 11.79 17.59 -4.30
N LEU B 195 11.36 18.84 -4.20
CA LEU B 195 11.93 19.79 -3.24
C LEU B 195 11.02 20.21 -2.07
N TYR B 196 9.70 20.20 -2.27
CA TYR B 196 8.74 20.65 -1.25
C TYR B 196 7.61 19.64 -0.97
N PRO B 197 7.07 19.63 0.27
CA PRO B 197 5.84 18.86 0.50
C PRO B 197 4.68 19.31 -0.39
N PRO B 198 3.84 18.36 -0.85
CA PRO B 198 2.73 18.67 -1.74
C PRO B 198 1.77 19.76 -1.23
N PHE B 199 1.39 19.70 0.05
CA PHE B 199 0.52 20.74 0.61
C PHE B 199 1.09 22.17 0.38
N MET B 200 2.41 22.31 0.46
CA MET B 200 3.07 23.61 0.21
C MET B 200 2.97 24.02 -1.25
N ILE B 201 3.10 23.06 -2.17
CA ILE B 201 2.90 23.31 -3.59
C ILE B 201 1.44 23.72 -3.86
N ALA B 202 0.48 23.07 -3.20
CA ALA B 202 -0.96 23.45 -3.33
C ALA B 202 -1.23 24.91 -2.93
N LEU B 203 -0.69 25.33 -1.80
CA LEU B 203 -0.89 26.70 -1.30
C LEU B 203 -0.29 27.76 -2.24
N ALA B 204 0.87 27.46 -2.80
CA ALA B 204 1.50 28.33 -3.82
C ALA B 204 0.64 28.46 -5.08
N CYS B 205 0.13 27.33 -5.58
CA CYS B 205 -0.76 27.35 -6.76
C CYS B 205 -2.05 28.10 -6.48
N LEU B 206 -2.61 27.90 -5.28
CA LEU B 206 -3.82 28.61 -4.87
C LEU B 206 -3.58 30.12 -4.74
N HIS B 207 -2.43 30.51 -4.21
CA HIS B 207 -2.06 31.93 -4.13
C HIS B 207 -1.97 32.58 -5.53
N VAL B 208 -1.29 31.92 -6.45
CA VAL B 208 -1.20 32.42 -7.83
C VAL B 208 -2.57 32.44 -8.52
N ALA B 209 -3.43 31.46 -8.24
CA ALA B 209 -4.81 31.49 -8.75
C ALA B 209 -5.58 32.70 -8.20
N CYS B 210 -5.41 32.99 -6.91
CA CYS B 210 -6.02 34.17 -6.29
C CYS B 210 -5.55 35.51 -6.89
N VAL B 211 -4.27 35.62 -7.20
CA VAL B 211 -3.72 36.84 -7.79
C VAL B 211 -4.20 37.04 -9.22
N VAL B 212 -4.20 35.97 -10.01
CA VAL B 212 -4.67 36.00 -11.41
C VAL B 212 -6.15 36.42 -11.49
N GLN B 213 -7.00 35.85 -10.63
CA GLN B 213 -8.44 36.16 -10.62
C GLN B 213 -8.82 37.35 -9.72
N GLN B 214 -7.81 38.04 -9.15
CA GLN B 214 -8.00 39.23 -8.30
C GLN B 214 -8.94 39.01 -7.09
N LYS B 215 -8.81 37.84 -6.48
CA LYS B 215 -9.48 37.50 -5.23
C LYS B 215 -8.55 37.81 -4.07
N ASP B 216 -9.05 38.56 -3.10
CA ASP B 216 -8.33 38.90 -1.88
C ASP B 216 -8.44 37.72 -0.89
N ALA B 217 -7.33 37.00 -0.71
CA ALA B 217 -7.23 35.92 0.27
C ALA B 217 -6.11 36.15 1.29
N ARG B 218 -5.72 37.41 1.49
CA ARG B 218 -4.62 37.77 2.41
C ARG B 218 -4.90 37.35 3.85
N GLN B 219 -6.14 37.53 4.30
CA GLN B 219 -6.56 37.15 5.65
C GLN B 219 -6.44 35.64 5.85
N TRP B 220 -6.96 34.89 4.89
CA TRP B 220 -6.96 33.42 4.95
C TRP B 220 -5.54 32.83 4.98
N PHE B 221 -4.65 33.34 4.12
CA PHE B 221 -3.23 32.92 4.11
C PHE B 221 -2.47 33.29 5.39
N ALA B 222 -2.73 34.50 5.92
CA ALA B 222 -2.17 34.93 7.23
C ALA B 222 -2.55 33.99 8.37
N GLU B 223 -3.76 33.44 8.31
CA GLU B 223 -4.30 32.54 9.35
C GLU B 223 -3.83 31.09 9.28
N LEU B 224 -3.09 30.71 8.24
CA LEU B 224 -2.48 29.36 8.16
C LEU B 224 -1.25 29.30 9.07
N SER B 225 -0.94 28.10 9.59
CA SER B 225 0.30 27.85 10.33
C SER B 225 1.31 27.25 9.38
N VAL B 226 2.05 28.10 8.66
CA VAL B 226 3.01 27.66 7.64
C VAL B 226 4.15 28.67 7.44
N ASP B 227 5.29 28.15 6.98
CA ASP B 227 6.47 28.95 6.65
C ASP B 227 6.20 29.68 5.34
N MET B 228 5.88 30.98 5.43
CA MET B 228 5.50 31.77 4.25
C MET B 228 6.67 32.16 3.34
N GLU B 229 7.89 32.08 3.85
CA GLU B 229 9.08 32.27 3.02
C GLU B 229 9.23 31.12 2.01
N LYS B 230 8.93 29.89 2.44
CA LYS B 230 8.97 28.72 1.55
C LYS B 230 7.91 28.81 0.45
N ILE B 231 6.70 29.21 0.84
CA ILE B 231 5.59 29.36 -0.11
C ILE B 231 5.94 30.39 -1.19
N LEU B 232 6.58 31.49 -0.77
CA LEU B 232 7.08 32.52 -1.71
C LEU B 232 8.17 32.01 -2.67
N GLU B 233 9.06 31.14 -2.19
CA GLU B 233 10.02 30.48 -3.10
C GLU B 233 9.32 29.68 -4.22
N ILE B 234 8.25 28.96 -3.87
CA ILE B 234 7.51 28.13 -4.83
C ILE B 234 6.77 29.01 -5.84
N ILE B 235 6.15 30.08 -5.35
CA ILE B 235 5.45 31.05 -6.20
C ILE B 235 6.43 31.63 -7.23
N ARG B 236 7.62 32.03 -6.79
CA ARG B 236 8.68 32.51 -7.71
C ARG B 236 9.01 31.51 -8.81
N VAL B 237 9.08 30.23 -8.47
CA VAL B 237 9.35 29.18 -9.45
C VAL B 237 8.19 29.06 -10.47
N ILE B 238 6.96 29.17 -9.97
CA ILE B 238 5.76 29.16 -10.84
C ILE B 238 5.76 30.34 -11.82
N LEU B 239 5.97 31.55 -11.29
CA LEU B 239 6.06 32.76 -12.14
C LEU B 239 7.19 32.70 -13.17
N LYS B 240 8.32 32.11 -12.80
CA LYS B 240 9.44 31.89 -13.73
C LYS B 240 9.09 30.85 -14.81
N LEU B 241 8.31 29.83 -14.45
CA LEU B 241 7.94 28.78 -15.40
C LEU B 241 7.06 29.36 -16.51
N TYR B 242 6.19 30.30 -16.18
CA TYR B 242 5.35 30.98 -17.19
C TYR B 242 6.13 31.92 -18.11
N GLU B 243 7.20 32.54 -17.62
CA GLU B 243 8.10 33.31 -18.49
C GLU B 243 8.95 32.40 -19.40
N GLN B 244 9.38 31.24 -18.89
CA GLN B 244 10.07 30.24 -19.71
C GLN B 244 9.16 29.68 -20.82
N TRP B 245 7.93 29.32 -20.46
CA TRP B 245 6.87 28.84 -21.38
C TRP B 245 6.68 29.78 -22.58
N LYS B 246 6.47 31.05 -22.29
CA LYS B 246 6.41 32.13 -23.26
C LYS B 246 7.60 32.11 -24.24
N ASN B 247 8.81 32.07 -23.69
CA ASN B 247 10.03 32.20 -24.51
C ASN B 247 10.48 30.93 -25.25
N PHE B 248 9.88 29.79 -24.90
CA PHE B 248 10.23 28.45 -25.39
C PHE B 248 9.24 28.01 -26.47
N ASP B 249 9.72 27.70 -27.68
CA ASP B 249 8.92 26.96 -28.66
C ASP B 249 9.43 25.55 -28.73
N GLU B 250 8.89 24.71 -27.85
CA GLU B 250 9.17 23.27 -27.83
C GLU B 250 9.28 22.69 -29.24
N ARG B 251 8.30 22.99 -30.09
CA ARG B 251 8.25 22.40 -31.42
C ARG B 251 9.38 22.80 -32.37
N LYS B 252 9.89 24.02 -32.24
CA LYS B 252 11.04 24.47 -33.04
C LYS B 252 12.37 23.89 -32.56
N GLU B 253 12.52 23.75 -31.25
CA GLU B 253 13.81 23.53 -30.62
C GLU B 253 14.13 22.09 -30.23
N MET B 254 13.12 21.26 -30.00
CA MET B 254 13.36 19.98 -29.31
C MET B 254 14.16 18.95 -30.09
N ALA B 255 14.14 18.99 -31.41
CA ALA B 255 14.91 18.03 -32.21
C ALA B 255 16.42 18.25 -32.00
N THR B 256 16.83 19.51 -32.00
CA THR B 256 18.22 19.89 -31.78
C THR B 256 18.66 19.60 -30.35
N ILE B 257 17.84 19.97 -29.38
CA ILE B 257 18.13 19.71 -27.97
C ILE B 257 18.25 18.20 -27.68
N LEU B 258 17.36 17.41 -28.28
CA LEU B 258 17.42 15.94 -28.14
C LEU B 258 18.69 15.32 -28.75
N SER B 259 19.21 15.94 -29.81
CA SER B 259 20.45 15.47 -30.43
C SER B 259 21.70 15.81 -29.60
N LYS B 260 21.66 16.95 -28.90
CA LYS B 260 22.71 17.34 -27.94
C LYS B 260 22.73 16.47 -26.65
N MET B 261 21.62 15.81 -26.36
CA MET B 261 21.49 14.93 -25.18
C MET B 261 22.50 13.77 -25.26
N PRO B 262 23.17 13.42 -24.14
CA PRO B 262 24.12 12.30 -24.18
C PRO B 262 23.41 10.96 -24.35
N LYS B 263 23.98 10.08 -25.17
CA LYS B 263 23.31 8.83 -25.55
C LYS B 263 24.07 7.60 -25.04
N PRO B 264 23.35 6.50 -24.72
CA PRO B 264 23.92 5.26 -24.19
C PRO B 264 25.11 4.67 -24.97
N LYS B 265 26.19 4.36 -24.26
CA LYS B 265 27.32 3.63 -24.85
C LYS B 265 26.96 2.15 -24.94
N PRO B 266 27.11 1.53 -26.13
CA PRO B 266 26.78 0.11 -26.26
C PRO B 266 27.94 -0.78 -25.77
N PRO B 267 27.72 -2.12 -25.71
CA PRO B 267 28.79 -3.06 -25.32
C PRO B 267 30.05 -2.97 -26.19
N PRO B 268 31.20 -3.42 -25.65
CA PRO B 268 32.46 -3.36 -26.40
C PRO B 268 32.57 -4.39 -27.56
O31 0SS C . 2.39 -10.59 5.54
C29 0SS C . 2.78 -10.57 4.39
N30 0SS C . 2.27 -9.72 3.45
C32 0SS C . 1.24 -8.79 3.76
N35 0SS C . 0.34 -8.31 2.89
C41 0SS C . 0.18 -8.61 1.45
C46 0SS C . 0.29 -9.94 1.03
C45 0SS C . 0.11 -10.29 -0.30
C44 0SS C . -0.23 -9.32 -1.24
C47 0SS C . -0.45 -9.72 -2.68
C43 0SS C . -0.37 -8.00 -0.82
C42 0SS C . -0.18 -7.64 0.52
N36 0SS C . -0.50 -7.57 3.48
C34 0SS C . -0.22 -7.49 4.79
C37 0SS C . -0.97 -6.65 5.82
C40 0SS C . -1.22 -7.36 7.16
C39 0SS C . -2.31 -6.18 5.28
C38 0SS C . -0.11 -5.41 6.10
C33 0SS C . 0.90 -8.25 5.00
N28 0SS C . 3.81 -11.40 4.01
C27 0SS C . 4.77 -11.96 4.98
C26 0SS C . 5.15 -13.39 4.66
N24 0SS C . 4.01 -14.23 4.24
C23 0SS C . 4.51 -15.51 3.72
C21 0SS C . 3.47 -16.63 3.55
C25 0SS C . 3.07 -14.46 5.37
C22 0SS C . 1.94 -15.38 4.86
N19 0SS C . 2.52 -16.73 4.68
C18 0SS C . 2.23 -17.90 5.39
O20 0SS C . 2.82 -18.91 5.07
N17 0SS C . 1.37 -17.90 6.50
C10 0SS C . 1.09 -19.13 7.13
C12 0SS C . -0.07 -19.88 7.12
C11 0SS C . 0.31 -21.07 7.69
C13 0SS C . -0.59 -22.28 7.97
C16 0SS C . -0.89 -22.19 9.47
C15 0SS C . 0.17 -23.59 7.70
C14 0SS C . -1.92 -22.23 7.21
N9 0SS C . 1.62 -21.03 7.99
N8 0SS C . 2.06 -19.90 7.65
C4 0SS C . 3.46 -19.48 7.82
C2 0SS C . 3.70 -18.28 8.49
C6 0SS C . 4.55 -20.21 7.35
C5 0SS C . 5.84 -19.75 7.55
C3 0SS C . 6.07 -18.55 8.22
C7 0SS C . 7.47 -18.05 8.44
C1 0SS C . 4.99 -17.81 8.70
S DMS D . -5.71 -21.74 6.90
O DMS D . -6.93 -21.10 8.07
C1 DMS D . -5.78 -23.56 6.82
C2 DMS D . -6.16 -21.26 5.20
C1 EDO E . 0.23 -4.67 25.03
O1 EDO E . 1.09 -4.39 23.94
C2 EDO E . 0.20 -3.48 25.98
O2 EDO E . 1.50 -3.29 26.57
C1 EDO F . -11.59 -1.20 37.41
O1 EDO F . -10.39 -0.96 38.16
C2 EDO F . -11.27 -1.20 35.90
O2 EDO F . -11.95 -2.23 35.16
C1 EDO G . -2.31 -16.67 32.41
O1 EDO G . -1.43 -16.31 31.34
C2 EDO G . -2.48 -15.51 33.40
O2 EDO G . -3.84 -15.31 33.82
C1 EDO H . 19.06 -5.52 -4.38
O1 EDO H . 18.58 -6.43 -5.37
C2 EDO H . 18.50 -5.87 -2.99
O2 EDO H . 17.92 -4.79 -2.23
C FMT I . 14.33 -2.07 -0.43
O1 FMT I . 13.95 -1.69 0.70
O2 FMT I . 15.09 -3.03 -0.59
C FMT J . 20.87 -20.83 -0.71
O1 FMT J . 21.27 -20.99 0.44
O2 FMT J . 21.49 -20.14 -1.53
C1 EDO K . -1.27 8.91 -1.89
O1 EDO K . -1.62 7.90 -2.85
C2 EDO K . -1.70 8.47 -0.51
O2 EDO K . -2.99 7.82 -0.53
C1 EDO L . -6.53 13.44 -17.88
O1 EDO L . -5.59 14.52 -17.86
C2 EDO L . -6.23 12.57 -19.10
O2 EDO L . -6.62 11.20 -18.97
C1 EDO M . -3.13 19.71 4.17
O1 EDO M . -2.80 18.31 4.05
C2 EDO M . -4.39 19.89 5.05
O2 EDO M . -5.53 20.43 4.33
C1 EDO N . 18.87 1.65 -10.61
O1 EDO N . 18.70 0.33 -11.16
C2 EDO N . 19.39 1.55 -9.18
O2 EDO N . 19.74 2.84 -8.64
C1 EDO O . 3.96 -7.98 -15.32
O1 EDO O . 3.55 -6.71 -15.84
C2 EDO O . 2.82 -8.97 -15.17
O2 EDO O . 3.35 -10.27 -14.91
C FMT P . 5.52 23.59 -24.10
O1 FMT P . 4.45 23.12 -23.74
O2 FMT P . 5.97 24.63 -23.60
C FMT Q . 9.71 15.18 -16.16
O1 FMT Q . 10.80 15.76 -16.07
O2 FMT Q . 8.71 15.57 -15.54
C FMT R . 3.21 16.48 -34.31
O1 FMT R . 2.07 16.94 -34.22
O2 FMT R . 3.42 15.26 -34.34
#